data_9LEW
#
_entry.id   9LEW
#
_cell.length_a   163.924
_cell.length_b   163.924
_cell.length_c   114.035
_cell.angle_alpha   90.00
_cell.angle_beta   90.00
_cell.angle_gamma   120.00
#
_symmetry.space_group_name_H-M   'P 62 2 2'
#
loop_
_entity.id
_entity.type
_entity.pdbx_description
1 polymer 'DNA-damage-inducible protein J'
2 polymer 'Type II toxin-antitoxin system YafQ family toxin'
3 non-polymer 'SULFATE ION'
4 non-polymer 'ACETATE ION'
5 water water
#
loop_
_entity_poly.entity_id
_entity_poly.type
_entity_poly.pdbx_seq_one_letter_code
_entity_poly.pdbx_strand_id
1 'polypeptide(L)'
;GSMRTEMLSTRIDHDTKIAFTNVCDEMGLSTSQAIKLFAKAVINHGGIPFELRVPQPNEVTASAIQELVEGKGHKAESVE
AMLNELTEGKVKHV
;
A,C,E,G
2 'polypeptide(L)'
;GSMSLLKAKLSMYKLEYSTQFKKDFKKITKMPISDIIEVGNVISKLQRGEKLEPKNVDHPLTGNWVGFRDCHIKPDLVLI
YRVFNDQLQLARIGSQSDLF
;
B,D,F,H
#
# COMPACT_ATOMS: atom_id res chain seq x y z
N THR A 5 19.00 -23.97 2.12
CA THR A 5 18.63 -22.69 2.72
C THR A 5 19.00 -21.50 1.83
N GLU A 6 18.17 -20.45 1.91
CA GLU A 6 18.31 -19.26 1.10
C GLU A 6 18.48 -18.03 2.00
N MET A 7 18.55 -16.85 1.38
CA MET A 7 18.77 -15.62 2.12
C MET A 7 17.66 -14.61 1.85
N LEU A 8 17.36 -13.82 2.86
CA LEU A 8 16.70 -12.53 2.70
C LEU A 8 17.73 -11.48 3.04
N SER A 9 17.99 -10.57 2.11
CA SER A 9 19.09 -9.64 2.31
C SER A 9 18.79 -8.32 1.64
N THR A 10 19.44 -7.28 2.16
CA THR A 10 19.42 -5.95 1.56
C THR A 10 20.76 -5.28 1.79
N ARG A 11 21.05 -4.29 0.95
CA ARG A 11 22.16 -3.37 1.15
C ARG A 11 21.61 -2.11 1.82
N ILE A 12 22.26 -1.70 2.91
CA ILE A 12 21.95 -0.45 3.60
C ILE A 12 23.23 0.36 3.69
N ASP A 13 23.09 1.64 4.00
CA ASP A 13 24.28 2.44 4.22
C ASP A 13 24.85 2.17 5.62
N HIS A 14 26.08 2.64 5.81
CA HIS A 14 26.82 2.37 7.04
C HIS A 14 26.10 2.91 8.28
N ASP A 15 25.64 4.17 8.23
CA ASP A 15 25.02 4.78 9.41
C ASP A 15 23.77 4.03 9.85
N THR A 16 22.93 3.65 8.87
CA THR A 16 21.73 2.88 9.16
C THR A 16 22.09 1.53 9.77
N LYS A 17 23.10 0.84 9.23
CA LYS A 17 23.47 -0.45 9.79
C LYS A 17 23.94 -0.29 11.22
N ILE A 18 24.74 0.73 11.50
CA ILE A 18 25.19 0.97 12.86
C ILE A 18 24.01 1.14 13.81
N ALA A 19 23.09 2.05 13.46
CA ALA A 19 21.96 2.35 14.34
C ALA A 19 21.08 1.13 14.55
N PHE A 20 20.79 0.40 13.46
CA PHE A 20 19.97 -0.81 13.58
C PHE A 20 20.63 -1.84 14.47
N THR A 21 21.95 -2.05 14.31
CA THR A 21 22.69 -2.99 15.14
C THR A 21 22.63 -2.59 16.61
N ASN A 22 22.83 -1.31 16.91
CA ASN A 22 22.82 -0.85 18.30
C ASN A 22 21.44 -1.05 18.94
N VAL A 23 20.36 -0.75 18.20
CA VAL A 23 19.02 -0.94 18.76
C VAL A 23 18.79 -2.42 19.07
N CYS A 24 19.16 -3.32 18.13
CA CYS A 24 18.97 -4.75 18.35
C CYS A 24 19.80 -5.23 19.53
N ASP A 25 21.02 -4.71 19.67
CA ASP A 25 21.85 -5.05 20.82
C ASP A 25 21.15 -4.71 22.12
N GLU A 26 20.55 -3.52 22.19
CA GLU A 26 19.84 -3.14 23.41
C GLU A 26 18.62 -4.02 23.65
N MET A 27 18.03 -4.54 22.59
CA MET A 27 16.91 -5.44 22.81
C MET A 27 17.34 -6.88 23.11
N GLY A 28 18.60 -7.22 22.84
CA GLY A 28 19.08 -8.55 23.07
C GLY A 28 19.03 -9.49 21.88
N LEU A 29 19.07 -8.98 20.64
CA LEU A 29 19.16 -9.90 19.51
C LEU A 29 20.05 -9.34 18.41
N SER A 30 20.53 -10.26 17.57
CA SER A 30 21.33 -9.94 16.40
C SER A 30 20.45 -9.44 15.26
N THR A 31 21.09 -8.74 14.31
CA THR A 31 20.37 -8.20 13.16
C THR A 31 19.76 -9.31 12.32
N SER A 32 20.47 -10.44 12.16
CA SER A 32 19.91 -11.57 11.44
C SER A 32 18.67 -12.11 12.16
N GLN A 33 18.73 -12.25 13.47
CA GLN A 33 17.56 -12.71 14.20
C GLN A 33 16.41 -11.73 14.07
N ALA A 34 16.70 -10.41 14.12
CA ALA A 34 15.66 -9.40 13.96
C ALA A 34 14.99 -9.50 12.60
N ILE A 35 15.77 -9.66 11.53
CA ILE A 35 15.20 -9.73 10.19
C ILE A 35 14.42 -11.03 10.00
N LYS A 36 14.90 -12.16 10.57
CA LYS A 36 14.10 -13.38 10.52
C LYS A 36 12.76 -13.20 11.24
N LEU A 37 12.76 -12.56 12.42
CA LEU A 37 11.50 -12.29 13.13
C LEU A 37 10.56 -11.46 12.27
N PHE A 38 11.10 -10.46 11.58
CA PHE A 38 10.30 -9.64 10.68
C PHE A 38 9.70 -10.48 9.56
N ALA A 39 10.51 -11.32 8.91
CA ALA A 39 9.97 -12.15 7.83
C ALA A 39 8.87 -13.07 8.33
N LYS A 40 9.10 -13.74 9.47
CA LYS A 40 8.06 -14.64 9.97
C LYS A 40 6.82 -13.85 10.37
N ALA A 41 6.98 -12.64 10.92
CA ALA A 41 5.81 -11.83 11.26
C ALA A 41 5.03 -11.45 10.02
N VAL A 42 5.74 -11.12 8.94
CA VAL A 42 5.08 -10.72 7.71
C VAL A 42 4.27 -11.88 7.17
N ILE A 43 4.84 -13.09 7.23
CA ILE A 43 4.11 -14.28 6.81
C ILE A 43 2.93 -14.57 7.75
N ASN A 44 3.15 -14.45 9.06
CA ASN A 44 2.14 -14.82 10.03
C ASN A 44 0.96 -13.86 9.99
N HIS A 45 1.18 -12.59 9.64
CA HIS A 45 0.10 -11.65 9.47
C HIS A 45 -0.41 -11.58 8.03
N GLY A 46 0.31 -12.18 7.07
CA GLY A 46 -0.05 -12.02 5.68
C GLY A 46 -0.05 -10.56 5.23
N GLY A 47 0.89 -9.78 5.76
CA GLY A 47 1.00 -8.36 5.51
C GLY A 47 2.05 -7.79 6.44
N ILE A 48 2.39 -6.53 6.23
CA ILE A 48 3.40 -5.87 7.01
C ILE A 48 2.72 -5.22 8.24
N PRO A 49 3.02 -5.66 9.46
CA PRO A 49 2.18 -5.24 10.60
C PRO A 49 2.56 -3.90 11.20
N PHE A 50 2.89 -2.90 10.38
CA PHE A 50 3.22 -1.56 10.87
C PHE A 50 3.21 -0.59 9.69
N GLU A 51 3.38 0.70 10.00
CA GLU A 51 3.15 1.75 9.02
C GLU A 51 4.22 1.75 7.93
N LEU A 52 3.76 1.87 6.68
CA LEU A 52 4.68 1.94 5.55
C LEU A 52 5.05 3.39 5.27
N ARG A 53 6.26 3.56 4.74
CA ARG A 53 6.69 4.86 4.28
C ARG A 53 5.92 5.26 3.02
N VAL A 54 5.84 6.56 2.78
CA VAL A 54 5.10 7.09 1.63
C VAL A 54 5.68 6.40 0.40
N PRO A 55 4.83 5.82 -0.45
CA PRO A 55 5.33 4.91 -1.50
C PRO A 55 6.22 5.63 -2.50
N GLN A 56 6.89 4.81 -3.32
CA GLN A 56 7.62 5.32 -4.46
C GLN A 56 6.67 6.09 -5.37
N PRO A 57 7.10 7.23 -5.91
CA PRO A 57 6.16 8.07 -6.68
C PRO A 57 5.56 7.30 -7.84
N ASN A 58 4.23 7.28 -7.87
CA ASN A 58 3.45 6.81 -9.00
C ASN A 58 3.96 7.49 -10.27
N GLU A 59 4.61 6.74 -11.15
CA GLU A 59 5.26 7.34 -12.32
C GLU A 59 4.25 7.99 -13.25
N VAL A 60 3.05 7.40 -13.35
CA VAL A 60 2.00 7.99 -14.17
C VAL A 60 1.65 9.39 -13.67
N THR A 61 1.39 9.51 -12.36
CA THR A 61 1.08 10.80 -11.76
C THR A 61 2.26 11.75 -11.86
N ALA A 62 3.47 11.24 -11.63
CA ALA A 62 4.68 12.06 -11.70
C ALA A 62 4.87 12.65 -13.08
N SER A 63 4.65 11.86 -14.13
CA SER A 63 4.77 12.36 -15.49
C SER A 63 3.69 13.39 -15.80
N ALA A 64 2.46 13.15 -15.34
CA ALA A 64 1.39 14.13 -15.56
C ALA A 64 1.76 15.47 -14.93
N ILE A 65 2.24 15.43 -13.68
CA ILE A 65 2.67 16.63 -12.97
C ILE A 65 3.85 17.30 -13.68
N GLN A 66 4.83 16.51 -14.13
CA GLN A 66 5.99 17.10 -14.80
C GLN A 66 5.57 17.78 -16.10
N GLU A 67 4.66 17.17 -16.85
CA GLU A 67 4.17 17.78 -18.07
C GLU A 67 3.49 19.12 -17.77
N LEU A 68 2.67 19.17 -16.72
CA LEU A 68 2.01 20.44 -16.37
C LEU A 68 3.01 21.50 -15.91
N VAL A 69 3.95 21.12 -15.05
CA VAL A 69 4.91 22.09 -14.52
C VAL A 69 5.78 22.65 -15.63
N GLU A 70 6.11 21.82 -16.63
CA GLU A 70 6.85 22.27 -17.80
C GLU A 70 5.97 23.07 -18.77
N GLY A 71 4.73 23.38 -18.38
CA GLY A 71 3.87 24.21 -19.18
C GLY A 71 3.31 23.56 -20.43
N LYS A 72 3.21 22.24 -20.46
CA LYS A 72 2.88 21.50 -21.67
C LYS A 72 1.46 20.91 -21.66
N GLY A 73 0.55 21.47 -20.84
CA GLY A 73 -0.81 20.99 -20.80
C GLY A 73 -1.65 21.42 -22.01
N HIS A 74 -2.85 20.85 -22.10
CA HIS A 74 -3.78 21.14 -23.19
C HIS A 74 -4.82 22.12 -22.69
N LYS A 75 -5.00 23.21 -23.44
CA LYS A 75 -5.99 24.22 -23.09
C LYS A 75 -7.38 23.75 -23.50
N ALA A 76 -8.37 24.20 -22.75
CA ALA A 76 -9.76 23.97 -23.05
C ALA A 76 -10.48 25.30 -22.86
N GLU A 77 -11.50 25.52 -23.67
CA GLU A 77 -12.23 26.78 -23.59
C GLU A 77 -13.18 26.81 -22.42
N SER A 78 -13.61 25.65 -21.96
CA SER A 78 -14.73 25.55 -21.04
C SER A 78 -14.76 24.16 -20.42
N VAL A 79 -15.45 24.06 -19.28
CA VAL A 79 -15.62 22.75 -18.67
C VAL A 79 -16.55 21.89 -19.53
N GLU A 80 -17.60 22.51 -20.09
CA GLU A 80 -18.54 21.80 -20.94
C GLU A 80 -17.85 21.31 -22.21
N ALA A 81 -17.05 22.18 -22.83
CA ALA A 81 -16.29 21.78 -24.01
C ALA A 81 -15.29 20.69 -23.66
N MET A 82 -14.63 20.82 -22.50
CA MET A 82 -13.68 19.80 -22.07
C MET A 82 -14.38 18.46 -21.90
N LEU A 83 -15.51 18.44 -21.19
CA LEU A 83 -16.25 17.20 -20.97
C LEU A 83 -16.72 16.61 -22.29
N ASN A 84 -17.21 17.45 -23.19
CA ASN A 84 -17.65 16.94 -24.47
C ASN A 84 -16.51 16.26 -25.20
N GLU A 85 -15.32 16.88 -25.19
CA GLU A 85 -14.19 16.27 -25.89
C GLU A 85 -13.73 14.99 -25.19
N LEU A 86 -13.51 15.05 -23.88
CA LEU A 86 -12.93 13.92 -23.15
C LEU A 86 -13.90 12.77 -22.87
N THR A 87 -15.22 13.02 -22.97
CA THR A 87 -16.21 11.95 -22.90
C THR A 87 -16.68 11.52 -24.29
N GLU A 88 -16.12 12.11 -25.35
CA GLU A 88 -16.50 11.84 -26.73
C GLU A 88 -18.00 12.00 -26.95
N GLY A 89 -18.58 13.00 -26.31
CA GLY A 89 -19.96 13.39 -26.56
C GLY A 89 -20.95 12.91 -25.51
N LYS A 90 -20.54 12.06 -24.57
CA LYS A 90 -21.46 11.53 -23.58
C LYS A 90 -22.07 12.62 -22.71
N VAL A 91 -21.35 13.72 -22.51
CA VAL A 91 -21.85 14.83 -21.69
C VAL A 91 -21.56 16.16 -22.37
N SER B 11 -15.13 36.03 -16.36
CA SER B 11 -13.67 35.90 -16.38
C SER B 11 -13.15 35.05 -15.21
N MET B 12 -12.77 33.82 -15.54
CA MET B 12 -12.29 32.83 -14.57
C MET B 12 -10.87 32.42 -14.93
N TYR B 13 -10.34 31.42 -14.20
CA TYR B 13 -9.05 30.87 -14.55
C TYR B 13 -9.10 30.20 -15.91
N LYS B 14 -7.95 30.17 -16.58
CA LYS B 14 -7.81 29.37 -17.79
C LYS B 14 -7.79 27.89 -17.41
N LEU B 15 -8.14 27.04 -18.36
CA LEU B 15 -8.27 25.61 -18.12
C LEU B 15 -7.15 24.85 -18.82
N GLU B 16 -6.43 24.03 -18.07
CA GLU B 16 -5.43 23.16 -18.65
C GLU B 16 -5.50 21.78 -18.01
N TYR B 17 -5.27 20.75 -18.83
CA TYR B 17 -5.26 19.39 -18.34
C TYR B 17 -4.09 18.67 -18.94
N SER B 18 -3.58 17.67 -18.22
CA SER B 18 -2.46 16.89 -18.73
C SER B 18 -2.96 15.84 -19.74
N THR B 19 -2.02 15.32 -20.53
CA THR B 19 -2.33 14.17 -21.38
C THR B 19 -2.87 13.01 -20.57
N GLN B 20 -2.22 12.72 -19.44
CA GLN B 20 -2.66 11.63 -18.58
C GLN B 20 -4.07 11.85 -18.07
N PHE B 21 -4.45 13.11 -17.83
CA PHE B 21 -5.81 13.43 -17.41
C PHE B 21 -6.81 13.04 -18.49
N LYS B 22 -6.46 13.28 -19.75
CA LYS B 22 -7.29 12.84 -20.88
C LYS B 22 -7.40 11.31 -20.91
N LYS B 23 -6.30 10.61 -20.68
CA LYS B 23 -6.37 9.15 -20.63
C LYS B 23 -7.25 8.66 -19.47
N ASP B 24 -7.07 9.23 -18.25
CA ASP B 24 -7.94 8.91 -17.11
C ASP B 24 -9.41 9.11 -17.44
N PHE B 25 -9.69 10.12 -18.26
CA PHE B 25 -11.08 10.39 -18.51
C PHE B 25 -11.76 9.31 -19.35
N LYS B 26 -11.02 8.36 -19.94
CA LYS B 26 -11.71 7.21 -20.53
C LYS B 26 -12.45 6.40 -19.46
N LYS B 27 -11.78 6.09 -18.35
CA LYS B 27 -12.46 5.44 -17.24
C LYS B 27 -13.58 6.32 -16.70
N ILE B 28 -13.36 7.63 -16.63
CA ILE B 28 -14.45 8.49 -16.14
C ILE B 28 -15.66 8.41 -17.08
N THR B 29 -15.43 8.39 -18.41
CA THR B 29 -16.53 8.33 -19.38
C THR B 29 -17.34 7.06 -19.22
N LYS B 30 -16.71 5.98 -18.76
CA LYS B 30 -17.47 4.74 -18.58
C LYS B 30 -18.50 4.86 -17.46
N MET B 31 -18.39 5.86 -16.58
CA MET B 31 -19.25 6.05 -15.40
C MET B 31 -20.64 6.58 -15.75
N PRO B 32 -21.59 6.46 -14.82
CA PRO B 32 -22.92 7.04 -15.08
C PRO B 32 -22.87 8.54 -15.27
N ILE B 33 -23.86 9.05 -16.00
CA ILE B 33 -23.88 10.48 -16.34
C ILE B 33 -23.85 11.33 -15.08
N SER B 34 -24.56 10.88 -14.04
CA SER B 34 -24.58 11.59 -12.76
C SER B 34 -23.17 11.90 -12.27
N ASP B 35 -22.31 10.87 -12.25
CA ASP B 35 -20.96 11.04 -11.72
C ASP B 35 -20.11 11.93 -12.61
N ILE B 36 -20.25 11.81 -13.94
CA ILE B 36 -19.50 12.66 -14.85
C ILE B 36 -19.87 14.12 -14.62
N ILE B 37 -21.18 14.38 -14.44
CA ILE B 37 -21.66 15.72 -14.18
C ILE B 37 -21.09 16.23 -12.86
N GLU B 38 -21.00 15.36 -11.85
CA GLU B 38 -20.46 15.82 -10.58
C GLU B 38 -18.97 16.19 -10.71
N VAL B 39 -18.22 15.44 -11.53
CA VAL B 39 -16.85 15.84 -11.86
C VAL B 39 -16.83 17.25 -12.47
N GLY B 40 -17.67 17.47 -13.49
CA GLY B 40 -17.73 18.78 -14.13
C GLY B 40 -18.09 19.90 -13.17
N ASN B 41 -19.01 19.62 -12.24
CA ASN B 41 -19.42 20.65 -11.26
C ASN B 41 -18.27 21.03 -10.33
N VAL B 42 -17.49 20.06 -9.87
CA VAL B 42 -16.34 20.39 -9.01
C VAL B 42 -15.32 21.20 -9.79
N ILE B 43 -15.06 20.80 -11.04
CA ILE B 43 -14.07 21.50 -11.84
C ILE B 43 -14.49 22.94 -12.09
N SER B 44 -15.78 23.17 -12.33
CA SER B 44 -16.24 24.54 -12.52
C SER B 44 -16.10 25.35 -11.24
N LYS B 45 -16.38 24.75 -10.08
CA LYS B 45 -16.19 25.46 -8.82
C LYS B 45 -14.73 25.89 -8.65
N LEU B 46 -13.80 24.96 -8.92
CA LEU B 46 -12.39 25.28 -8.82
C LEU B 46 -11.99 26.37 -9.82
N GLN B 47 -12.55 26.31 -11.02
CA GLN B 47 -12.22 27.29 -12.03
C GLN B 47 -12.66 28.70 -11.63
N ARG B 48 -13.67 28.80 -10.76
CA ARG B 48 -14.19 30.08 -10.30
C ARG B 48 -13.61 30.50 -8.96
N GLY B 49 -12.69 29.70 -8.40
CA GLY B 49 -12.06 30.05 -7.13
C GLY B 49 -12.92 29.87 -5.91
N GLU B 50 -13.98 29.08 -6.06
CA GLU B 50 -14.96 28.91 -4.96
C GLU B 50 -14.54 27.76 -4.05
N LYS B 51 -14.84 27.89 -2.77
CA LYS B 51 -14.56 26.81 -1.80
C LYS B 51 -15.37 25.59 -2.19
N LEU B 52 -14.77 24.41 -2.05
CA LEU B 52 -15.55 23.19 -2.32
C LEU B 52 -16.28 22.82 -1.03
N GLU B 53 -17.13 21.81 -1.11
CA GLU B 53 -17.91 21.41 0.05
C GLU B 53 -17.03 20.65 1.04
N PRO B 54 -17.47 20.56 2.30
CA PRO B 54 -16.69 19.77 3.28
C PRO B 54 -16.39 18.35 2.82
N LYS B 55 -17.36 17.69 2.17
CA LYS B 55 -17.16 16.32 1.69
C LYS B 55 -16.08 16.22 0.62
N ASN B 56 -15.75 17.32 -0.05
CA ASN B 56 -14.67 17.23 -1.04
C ASN B 56 -13.29 17.22 -0.41
N VAL B 57 -13.18 17.42 0.90
CA VAL B 57 -11.93 17.41 1.69
C VAL B 57 -10.77 17.96 0.88
N ASP B 58 -10.95 19.17 0.34
CA ASP B 58 -9.94 19.83 -0.49
C ASP B 58 -8.72 20.14 0.36
N HIS B 59 -7.52 19.82 -0.14
CA HIS B 59 -6.31 20.04 0.66
C HIS B 59 -5.09 20.10 -0.23
N PRO B 60 -4.03 20.83 0.20
CA PRO B 60 -2.75 20.79 -0.52
C PRO B 60 -2.04 19.48 -0.22
N LEU B 61 -1.28 19.01 -1.20
CA LEU B 61 -0.49 17.80 -1.04
C LEU B 61 0.91 18.12 -0.51
N THR B 62 1.39 17.30 0.42
CA THR B 62 2.72 17.48 0.98
C THR B 62 3.57 16.21 0.86
N GLY B 63 3.17 15.27 0.02
CA GLY B 63 3.90 14.05 -0.24
C GLY B 63 4.71 14.15 -1.50
N ASN B 64 4.67 13.08 -2.31
CA ASN B 64 5.36 13.10 -3.59
C ASN B 64 4.81 14.17 -4.54
N TRP B 65 3.56 14.60 -4.36
CA TRP B 65 2.94 15.54 -5.28
C TRP B 65 2.87 16.96 -4.70
N VAL B 66 3.83 17.28 -3.84
CA VAL B 66 3.93 18.64 -3.31
C VAL B 66 3.92 19.63 -4.48
N GLY B 67 3.27 20.78 -4.26
CA GLY B 67 3.01 21.77 -5.29
C GLY B 67 1.63 21.63 -5.93
N PHE B 68 0.87 20.61 -5.56
CA PHE B 68 -0.43 20.33 -6.11
C PHE B 68 -1.43 20.10 -4.97
N ARG B 69 -2.71 20.09 -5.34
CA ARG B 69 -3.80 19.91 -4.40
C ARG B 69 -4.62 18.69 -4.83
N ASP B 70 -5.41 18.17 -3.92
CA ASP B 70 -6.32 17.08 -4.28
C ASP B 70 -7.64 17.34 -3.58
N CYS B 71 -8.73 17.00 -4.25
CA CYS B 71 -10.06 16.98 -3.67
C CYS B 71 -10.74 15.67 -4.04
N HIS B 72 -11.73 15.26 -3.24
CA HIS B 72 -12.46 14.03 -3.48
C HIS B 72 -13.80 14.41 -4.13
N ILE B 73 -13.94 14.10 -5.42
CA ILE B 73 -15.23 14.27 -6.09
C ILE B 73 -16.22 13.23 -5.58
N LYS B 74 -15.76 12.01 -5.35
CA LYS B 74 -16.48 11.00 -4.59
C LYS B 74 -15.51 10.44 -3.58
N PRO B 75 -15.98 9.72 -2.54
CA PRO B 75 -15.02 9.21 -1.55
C PRO B 75 -13.89 8.41 -2.17
N ASP B 76 -14.12 7.74 -3.30
CA ASP B 76 -13.09 6.98 -3.99
C ASP B 76 -12.76 7.53 -5.38
N LEU B 77 -13.05 8.81 -5.64
CA LEU B 77 -12.71 9.44 -6.91
C LEU B 77 -12.05 10.78 -6.62
N VAL B 78 -10.74 10.84 -6.89
CA VAL B 78 -9.86 11.92 -6.48
C VAL B 78 -9.40 12.70 -7.70
N LEU B 79 -9.38 14.03 -7.57
CA LEU B 79 -8.83 14.91 -8.58
C LEU B 79 -7.56 15.54 -8.02
N ILE B 80 -6.47 15.41 -8.76
CA ILE B 80 -5.23 16.09 -8.45
C ILE B 80 -5.09 17.28 -9.42
N TYR B 81 -4.89 18.47 -8.86
CA TYR B 81 -4.95 19.72 -9.63
C TYR B 81 -4.11 20.77 -8.90
N ARG B 82 -3.90 21.89 -9.57
CA ARG B 82 -3.37 23.07 -8.91
C ARG B 82 -3.86 24.33 -9.63
N VAL B 83 -3.79 25.44 -8.92
CA VAL B 83 -3.93 26.76 -9.53
C VAL B 83 -2.55 27.38 -9.55
N PHE B 84 -2.03 27.62 -10.76
CA PHE B 84 -0.72 28.23 -10.94
C PHE B 84 -0.95 29.50 -11.73
N ASN B 85 -0.57 30.65 -11.12
CA ASN B 85 -0.97 31.96 -11.60
C ASN B 85 -2.47 32.00 -11.88
N ASP B 86 -2.83 32.25 -13.14
CA ASP B 86 -4.24 32.32 -13.54
C ASP B 86 -4.75 31.04 -14.19
N GLN B 87 -4.05 29.92 -14.00
CA GLN B 87 -4.39 28.65 -14.65
C GLN B 87 -4.83 27.59 -13.64
N LEU B 88 -5.97 26.94 -13.93
CA LEU B 88 -6.34 25.71 -13.22
C LEU B 88 -5.81 24.53 -14.05
N GLN B 89 -4.86 23.79 -13.48
CA GLN B 89 -4.15 22.71 -14.15
C GLN B 89 -4.56 21.39 -13.51
N LEU B 90 -5.08 20.48 -14.33
CA LEU B 90 -5.68 19.22 -13.90
C LEU B 90 -4.74 18.09 -14.29
N ALA B 91 -4.14 17.45 -13.28
CA ALA B 91 -3.11 16.44 -13.49
C ALA B 91 -3.68 15.03 -13.66
N ARG B 92 -4.55 14.60 -12.74
CA ARG B 92 -5.07 13.23 -12.76
C ARG B 92 -6.47 13.23 -12.18
N ILE B 93 -7.24 12.21 -12.56
CA ILE B 93 -8.52 11.92 -11.92
C ILE B 93 -8.71 10.41 -11.87
N GLY B 94 -9.06 9.89 -10.69
CA GLY B 94 -9.20 8.47 -10.51
C GLY B 94 -9.24 8.11 -9.03
N SER B 95 -9.14 6.82 -8.76
CA SER B 95 -9.14 6.33 -7.38
C SER B 95 -7.79 6.60 -6.70
N GLN B 96 -7.79 6.49 -5.37
CA GLN B 96 -6.58 6.67 -4.59
C GLN B 96 -5.43 5.74 -5.02
N SER B 97 -5.76 4.50 -5.35
CA SER B 97 -4.73 3.50 -5.75
C SER B 97 -4.08 3.89 -7.09
N ASP B 98 -4.87 4.37 -8.05
CA ASP B 98 -4.30 4.67 -9.39
C ASP B 98 -3.50 5.96 -9.37
N LEU B 99 -3.67 6.80 -8.36
CA LEU B 99 -3.02 8.14 -8.39
C LEU B 99 -1.82 8.19 -7.44
N PHE B 100 -1.88 7.48 -6.32
CA PHE B 100 -0.79 7.49 -5.36
C PHE B 100 -0.14 6.11 -5.37
N THR C 5 28.08 1.30 1.39
CA THR C 5 26.98 0.43 1.79
C THR C 5 27.43 -1.01 2.13
N GLU C 6 26.78 -1.58 3.14
CA GLU C 6 27.02 -2.92 3.65
C GLU C 6 25.69 -3.67 3.56
N MET C 7 25.61 -4.83 4.20
CA MET C 7 24.43 -5.66 4.02
C MET C 7 23.83 -6.11 5.34
N LEU C 8 22.49 -6.16 5.35
CA LEU C 8 21.73 -6.84 6.38
C LEU C 8 21.08 -8.04 5.72
N SER C 9 21.15 -9.19 6.39
CA SER C 9 20.69 -10.41 5.77
C SER C 9 20.30 -11.39 6.85
N THR C 10 19.52 -12.37 6.43
CA THR C 10 19.26 -13.50 7.28
C THR C 10 19.19 -14.76 6.46
N ARG C 11 19.55 -15.88 7.10
CA ARG C 11 19.40 -17.18 6.42
C ARG C 11 17.97 -17.66 6.70
N ILE C 12 17.25 -18.10 5.67
CA ILE C 12 15.86 -18.52 5.82
C ILE C 12 15.62 -19.78 4.98
N ASP C 13 14.60 -20.58 5.31
CA ASP C 13 14.33 -21.77 4.48
C ASP C 13 13.45 -21.43 3.27
N HIS C 14 13.34 -22.37 2.32
CA HIS C 14 12.73 -22.06 1.02
C HIS C 14 11.27 -21.63 1.17
N ASP C 15 10.49 -22.39 1.95
CA ASP C 15 9.08 -22.04 2.16
C ASP C 15 8.94 -20.62 2.70
N THR C 16 9.74 -20.27 3.70
CA THR C 16 9.72 -18.91 4.24
C THR C 16 10.12 -17.89 3.17
N LYS C 17 11.15 -18.21 2.40
CA LYS C 17 11.61 -17.27 1.38
C LYS C 17 10.49 -16.95 0.39
N ILE C 18 9.82 -17.98 -0.12
CA ILE C 18 8.77 -17.75 -1.11
C ILE C 18 7.56 -17.05 -0.48
N ALA C 19 7.10 -17.53 0.69
CA ALA C 19 5.92 -16.92 1.30
C ALA C 19 6.16 -15.45 1.62
N PHE C 20 7.35 -15.12 2.12
CA PHE C 20 7.69 -13.72 2.35
C PHE C 20 7.73 -12.95 1.04
N THR C 21 8.36 -13.52 0.00
CA THR C 21 8.47 -12.82 -1.28
C THR C 21 7.10 -12.50 -1.85
N ASN C 22 6.14 -13.42 -1.70
CA ASN C 22 4.80 -13.17 -2.22
C ASN C 22 4.13 -12.01 -1.49
N VAL C 23 4.22 -12.00 -0.15
CA VAL C 23 3.58 -10.87 0.55
C VAL C 23 4.23 -9.57 0.14
N CYS C 24 5.57 -9.56 0.03
CA CYS C 24 6.30 -8.33 -0.25
C CYS C 24 6.01 -7.80 -1.65
N ASP C 25 6.06 -8.67 -2.67
CA ASP C 25 5.73 -8.27 -4.02
C ASP C 25 4.31 -7.71 -4.08
N GLU C 26 3.35 -8.43 -3.49
CA GLU C 26 1.96 -7.98 -3.54
C GLU C 26 1.74 -6.67 -2.78
N MET C 27 2.63 -6.32 -1.85
CA MET C 27 2.59 -5.01 -1.19
C MET C 27 3.32 -3.93 -2.01
N GLY C 28 3.81 -4.25 -3.21
CA GLY C 28 4.49 -3.29 -4.04
C GLY C 28 5.94 -3.04 -3.68
N LEU C 29 6.59 -3.99 -2.97
CA LEU C 29 7.93 -3.82 -2.43
C LEU C 29 8.82 -4.98 -2.87
N SER C 30 10.07 -4.66 -3.22
CA SER C 30 11.10 -5.66 -3.32
C SER C 30 11.50 -6.12 -1.92
N THR C 31 12.16 -7.29 -1.86
CA THR C 31 12.62 -7.80 -0.57
C THR C 31 13.54 -6.80 0.13
N SER C 32 14.44 -6.18 -0.63
CA SER C 32 15.37 -5.20 -0.07
C SER C 32 14.63 -4.01 0.51
N GLN C 33 13.64 -3.49 -0.23
CA GLN C 33 12.84 -2.38 0.25
C GLN C 33 12.12 -2.73 1.55
N ALA C 34 11.55 -3.94 1.63
CA ALA C 34 10.86 -4.36 2.83
C ALA C 34 11.81 -4.43 4.03
N ILE C 35 13.00 -5.00 3.83
CA ILE C 35 13.94 -5.12 4.96
C ILE C 35 14.43 -3.75 5.39
N LYS C 36 14.69 -2.86 4.42
CA LYS C 36 15.10 -1.50 4.75
C LYS C 36 14.01 -0.77 5.53
N LEU C 37 12.75 -0.97 5.12
CA LEU C 37 11.63 -0.39 5.85
C LEU C 37 11.59 -0.90 7.29
N PHE C 38 11.80 -2.21 7.48
CA PHE C 38 11.80 -2.76 8.83
C PHE C 38 12.95 -2.19 9.66
N ALA C 39 14.15 -2.13 9.10
CA ALA C 39 15.30 -1.66 9.88
C ALA C 39 15.13 -0.19 10.26
N LYS C 40 14.67 0.64 9.31
CA LYS C 40 14.41 2.04 9.62
C LYS C 40 13.27 2.19 10.62
N ALA C 41 12.27 1.30 10.56
CA ALA C 41 11.17 1.39 11.53
C ALA C 41 11.68 1.04 12.92
N VAL C 42 12.56 0.04 13.01
CA VAL C 42 13.12 -0.34 14.30
C VAL C 42 13.94 0.81 14.86
N ILE C 43 14.71 1.49 14.01
CA ILE C 43 15.47 2.65 14.47
C ILE C 43 14.51 3.76 14.93
N ASN C 44 13.49 4.04 14.13
CA ASN C 44 12.59 5.15 14.44
C ASN C 44 11.87 4.92 15.76
N HIS C 45 11.45 3.68 16.02
CA HIS C 45 10.65 3.32 17.19
CA HIS C 45 10.65 3.32 17.19
C HIS C 45 11.49 2.95 18.41
N GLY C 46 12.79 2.74 18.25
CA GLY C 46 13.55 2.17 19.36
C GLY C 46 13.02 0.82 19.79
N GLY C 47 12.62 -0.02 18.83
CA GLY C 47 12.08 -1.34 19.12
C GLY C 47 11.35 -1.92 17.92
N ILE C 48 10.92 -3.17 18.07
CA ILE C 48 10.16 -3.86 17.03
C ILE C 48 8.74 -3.30 17.13
N PRO C 49 8.24 -2.61 16.13
CA PRO C 49 6.95 -1.88 16.26
C PRO C 49 5.71 -2.75 16.02
N PHE C 50 5.69 -3.93 16.62
CA PHE C 50 4.53 -4.84 16.60
C PHE C 50 4.86 -5.97 17.57
N GLU C 51 3.83 -6.64 18.04
CA GLU C 51 4.04 -7.77 18.93
C GLU C 51 4.43 -8.99 18.10
N LEU C 52 5.40 -9.75 18.58
CA LEU C 52 5.71 -11.02 17.93
C LEU C 52 4.66 -12.06 18.32
N ARG C 53 4.13 -12.77 17.33
CA ARG C 53 3.08 -13.74 17.63
C ARG C 53 2.93 -14.76 16.50
N VAL C 54 2.25 -15.85 16.84
CA VAL C 54 2.02 -16.98 15.94
C VAL C 54 0.92 -16.54 14.98
N PRO C 55 0.69 -17.23 13.86
CA PRO C 55 -0.45 -16.87 13.00
C PRO C 55 -1.76 -17.01 13.76
N GLN C 56 -2.66 -16.05 13.53
CA GLN C 56 -3.99 -16.12 14.20
C GLN C 56 -5.09 -16.00 13.13
N PRO C 57 -6.06 -16.93 13.06
CA PRO C 57 -7.07 -16.90 12.00
C PRO C 57 -7.92 -15.64 12.06
N ASN C 58 -8.24 -15.10 10.89
CA ASN C 58 -9.09 -13.91 10.82
C ASN C 58 -10.53 -14.34 11.04
N GLU C 59 -11.47 -13.39 11.03
CA GLU C 59 -12.84 -13.76 11.37
C GLU C 59 -13.39 -14.83 10.42
N VAL C 60 -13.13 -14.68 9.11
CA VAL C 60 -13.65 -15.60 8.11
C VAL C 60 -13.18 -17.03 8.40
N THR C 61 -11.89 -17.19 8.71
CA THR C 61 -11.35 -18.51 9.06
C THR C 61 -11.99 -19.05 10.33
N ALA C 62 -12.10 -18.22 11.37
CA ALA C 62 -12.76 -18.62 12.61
C ALA C 62 -14.19 -19.06 12.34
N SER C 63 -14.87 -18.38 11.42
CA SER C 63 -16.23 -18.74 11.06
C SER C 63 -16.29 -20.12 10.42
N ALA C 64 -15.36 -20.38 9.49
CA ALA C 64 -15.32 -21.70 8.85
C ALA C 64 -15.08 -22.79 9.89
N ILE C 65 -14.13 -22.56 10.80
CA ILE C 65 -13.82 -23.53 11.84
C ILE C 65 -15.03 -23.76 12.74
N GLN C 66 -15.74 -22.68 13.10
CA GLN C 66 -16.93 -22.81 13.93
C GLN C 66 -18.06 -23.58 13.21
N GLU C 67 -18.22 -23.34 11.90
CA GLU C 67 -19.22 -24.08 11.15
C GLU C 67 -18.94 -25.58 11.16
N LEU C 68 -17.67 -25.93 10.94
CA LEU C 68 -17.27 -27.34 10.94
C LEU C 68 -17.47 -27.98 12.30
N VAL C 69 -17.01 -27.32 13.38
CA VAL C 69 -17.07 -27.97 14.69
C VAL C 69 -18.51 -28.17 15.14
N GLU C 70 -19.43 -27.30 14.70
CA GLU C 70 -20.85 -27.42 14.97
C GLU C 70 -21.56 -28.38 14.03
N GLY C 71 -20.81 -29.12 13.21
CA GLY C 71 -21.39 -30.10 12.33
C GLY C 71 -22.19 -29.55 11.17
N LYS C 72 -21.94 -28.32 10.74
CA LYS C 72 -22.74 -27.71 9.67
C LYS C 72 -21.99 -27.65 8.35
N GLY C 73 -20.95 -28.47 8.18
CA GLY C 73 -20.20 -28.51 6.93
C GLY C 73 -21.00 -29.21 5.84
N HIS C 74 -20.36 -29.32 4.67
CA HIS C 74 -20.94 -29.94 3.49
C HIS C 74 -20.18 -31.22 3.15
N LYS C 75 -20.92 -32.32 3.01
CA LYS C 75 -20.29 -33.60 2.71
C LYS C 75 -19.93 -33.73 1.23
N ALA C 76 -18.94 -34.59 0.95
CA ALA C 76 -18.56 -35.00 -0.39
C ALA C 76 -18.03 -36.43 -0.34
N GLU C 77 -18.37 -37.27 -1.33
CA GLU C 77 -17.92 -38.66 -1.20
C GLU C 77 -16.50 -38.87 -1.62
N SER C 78 -15.96 -37.97 -2.43
CA SER C 78 -14.59 -38.15 -2.86
C SER C 78 -13.99 -36.81 -3.21
N VAL C 79 -12.67 -36.79 -3.17
CA VAL C 79 -11.91 -35.61 -3.57
C VAL C 79 -12.27 -35.25 -5.00
N GLU C 80 -12.52 -36.27 -5.84
CA GLU C 80 -12.84 -36.05 -7.24
C GLU C 80 -14.20 -35.38 -7.43
N ALA C 81 -15.24 -35.89 -6.77
CA ALA C 81 -16.55 -35.25 -6.86
C ALA C 81 -16.48 -33.83 -6.30
N MET C 82 -15.76 -33.64 -5.18
CA MET C 82 -15.59 -32.31 -4.60
C MET C 82 -14.89 -31.36 -5.58
N LEU C 83 -13.84 -31.82 -6.24
CA LEU C 83 -13.20 -30.96 -7.24
C LEU C 83 -14.15 -30.60 -8.40
N ASN C 84 -14.99 -31.55 -8.80
CA ASN C 84 -15.90 -31.29 -9.95
C ASN C 84 -16.87 -30.17 -9.57
N GLU C 85 -17.39 -30.21 -8.35
CA GLU C 85 -18.39 -29.20 -7.93
C GLU C 85 -17.69 -27.86 -7.63
N LEU C 86 -16.60 -27.87 -6.87
CA LEU C 86 -15.95 -26.61 -6.44
C LEU C 86 -15.27 -25.90 -7.62
N THR C 87 -14.82 -26.62 -8.64
CA THR C 87 -14.27 -25.99 -9.83
C THR C 87 -15.29 -25.84 -10.94
N GLU C 88 -16.55 -26.20 -10.70
CA GLU C 88 -17.63 -26.14 -11.70
C GLU C 88 -17.23 -26.89 -12.97
N GLY C 89 -16.58 -28.05 -12.79
CA GLY C 89 -16.30 -28.94 -13.89
C GLY C 89 -14.93 -28.76 -14.51
N LYS C 90 -14.16 -27.75 -14.09
CA LYS C 90 -12.84 -27.51 -14.69
C LYS C 90 -11.90 -28.68 -14.46
N VAL C 91 -11.89 -29.25 -13.27
CA VAL C 91 -11.09 -30.44 -12.99
C VAL C 91 -12.07 -31.50 -12.50
N LYS C 92 -12.36 -32.47 -13.37
CA LYS C 92 -13.31 -33.53 -13.03
C LYS C 92 -12.64 -34.79 -12.50
N HIS C 93 -11.30 -34.85 -12.41
CA HIS C 93 -10.67 -36.05 -11.87
C HIS C 93 -9.28 -35.76 -11.33
N VAL C 94 -8.74 -36.77 -10.62
CA VAL C 94 -7.60 -36.63 -9.70
C VAL C 94 -7.81 -35.46 -8.77
N SER D 11 -11.02 -46.75 6.45
CA SER D 11 -9.97 -46.71 5.42
C SER D 11 -9.71 -45.26 5.06
N MET D 12 -10.77 -44.62 4.59
CA MET D 12 -10.75 -43.22 4.22
C MET D 12 -11.70 -42.42 5.09
N TYR D 13 -11.32 -41.16 5.34
CA TYR D 13 -12.14 -40.26 6.11
C TYR D 13 -13.31 -39.74 5.28
N LYS D 14 -14.42 -39.44 5.94
CA LYS D 14 -15.50 -38.71 5.29
C LYS D 14 -15.00 -37.33 4.88
N LEU D 15 -15.51 -36.80 3.80
CA LEU D 15 -15.06 -35.51 3.31
C LEU D 15 -16.08 -34.46 3.71
N GLU D 16 -15.62 -33.42 4.40
CA GLU D 16 -16.48 -32.32 4.80
C GLU D 16 -15.75 -31.00 4.55
N TYR D 17 -16.48 -30.00 4.05
CA TYR D 17 -15.90 -28.69 3.79
C TYR D 17 -16.88 -27.61 4.22
N SER D 18 -16.32 -26.46 4.60
CA SER D 18 -17.10 -25.31 5.04
C SER D 18 -17.70 -24.59 3.84
N THR D 19 -18.69 -23.73 4.10
CA THR D 19 -19.20 -22.82 3.07
C THR D 19 -18.09 -21.95 2.52
N GLN D 20 -17.28 -21.39 3.42
CA GLN D 20 -16.18 -20.54 3.01
C GLN D 20 -15.18 -21.29 2.15
N PHE D 21 -15.01 -22.58 2.40
CA PHE D 21 -14.09 -23.37 1.57
C PHE D 21 -14.56 -23.39 0.12
N LYS D 22 -15.86 -23.57 -0.09
CA LYS D 22 -16.41 -23.51 -1.44
C LYS D 22 -16.18 -22.14 -2.07
N LYS D 23 -16.40 -21.08 -1.28
CA LYS D 23 -16.09 -19.74 -1.79
C LYS D 23 -14.62 -19.60 -2.17
N ASP D 24 -13.71 -20.07 -1.31
CA ASP D 24 -12.27 -20.03 -1.61
C ASP D 24 -11.97 -20.79 -2.90
N PHE D 25 -12.64 -21.92 -3.11
CA PHE D 25 -12.35 -22.70 -4.30
C PHE D 25 -12.80 -22.01 -5.56
N LYS D 26 -13.61 -20.96 -5.42
CA LYS D 26 -13.94 -20.15 -6.62
C LYS D 26 -12.62 -19.53 -7.09
N LYS D 27 -11.83 -18.98 -6.15
CA LYS D 27 -10.50 -18.46 -6.53
C LYS D 27 -9.57 -19.57 -7.00
N ILE D 28 -9.56 -20.70 -6.29
CA ILE D 28 -8.68 -21.80 -6.66
C ILE D 28 -8.94 -22.25 -8.11
N THR D 29 -10.21 -22.19 -8.55
CA THR D 29 -10.58 -22.64 -9.89
C THR D 29 -9.85 -21.85 -10.97
N LYS D 30 -9.50 -20.59 -10.71
CA LYS D 30 -8.79 -19.80 -11.69
C LYS D 30 -7.34 -20.23 -11.87
N MET D 31 -6.81 -21.04 -10.96
CA MET D 31 -5.43 -21.48 -11.11
C MET D 31 -5.34 -22.51 -12.24
N PRO D 32 -4.13 -22.72 -12.79
CA PRO D 32 -3.95 -23.75 -13.82
C PRO D 32 -4.33 -25.12 -13.30
N ILE D 33 -4.65 -26.02 -14.24
CA ILE D 33 -5.10 -27.35 -13.85
C ILE D 33 -4.05 -28.06 -12.99
N SER D 34 -2.77 -27.90 -13.34
CA SER D 34 -1.69 -28.53 -12.59
C SER D 34 -1.81 -28.24 -11.08
N ASP D 35 -2.05 -26.98 -10.75
CA ASP D 35 -2.11 -26.55 -9.36
C ASP D 35 -3.35 -27.08 -8.68
N ILE D 36 -4.49 -27.10 -9.40
CA ILE D 36 -5.71 -27.64 -8.81
C ILE D 36 -5.50 -29.12 -8.49
N ILE D 37 -4.81 -29.85 -9.38
CA ILE D 37 -4.49 -31.26 -9.16
C ILE D 37 -3.60 -31.41 -7.93
N GLU D 38 -2.66 -30.48 -7.74
CA GLU D 38 -1.81 -30.59 -6.56
C GLU D 38 -2.62 -30.35 -5.27
N VAL D 39 -3.59 -29.42 -5.33
CA VAL D 39 -4.50 -29.25 -4.19
C VAL D 39 -5.22 -30.56 -3.89
N GLY D 40 -5.76 -31.18 -4.94
CA GLY D 40 -6.46 -32.45 -4.76
C GLY D 40 -5.57 -33.54 -4.20
N ASN D 41 -4.30 -33.59 -4.66
CA ASN D 41 -3.39 -34.63 -4.20
C ASN D 41 -3.10 -34.50 -2.72
N VAL D 42 -2.91 -33.27 -2.26
CA VAL D 42 -2.66 -33.08 -0.83
C VAL D 42 -3.89 -33.50 -0.03
N ILE D 43 -5.07 -33.05 -0.46
CA ILE D 43 -6.28 -33.36 0.29
C ILE D 43 -6.49 -34.87 0.34
N SER D 44 -6.19 -35.57 -0.76
CA SER D 44 -6.36 -37.01 -0.79
C SER D 44 -5.38 -37.72 0.13
N LYS D 45 -4.13 -37.24 0.19
CA LYS D 45 -3.19 -37.80 1.16
C LYS D 45 -3.75 -37.68 2.56
N LEU D 46 -4.30 -36.50 2.88
CA LEU D 46 -4.87 -36.30 4.21
C LEU D 46 -6.05 -37.22 4.43
N GLN D 47 -6.88 -37.43 3.41
CA GLN D 47 -8.04 -38.29 3.58
C GLN D 47 -7.66 -39.72 3.89
N ARG D 48 -6.50 -40.17 3.37
CA ARG D 48 -6.01 -41.51 3.63
C ARG D 48 -5.22 -41.59 4.94
N GLY D 49 -5.09 -40.48 5.66
CA GLY D 49 -4.47 -40.46 6.98
C GLY D 49 -2.96 -40.49 6.88
N GLU D 50 -2.50 -40.30 5.65
CA GLU D 50 -1.05 -40.50 5.39
C GLU D 50 -0.25 -39.31 5.88
N LYS D 51 1.04 -39.54 6.08
CA LYS D 51 1.89 -38.42 6.48
C LYS D 51 2.26 -37.57 5.27
N LEU D 52 2.22 -36.25 5.43
CA LEU D 52 2.67 -35.39 4.33
C LEU D 52 4.18 -35.26 4.30
N GLU D 53 4.60 -34.71 3.15
CA GLU D 53 6.04 -34.49 2.85
C GLU D 53 6.55 -33.19 3.45
N PRO D 54 7.86 -33.11 3.76
CA PRO D 54 8.45 -31.97 4.50
C PRO D 54 8.16 -30.61 3.91
N LYS D 55 8.04 -30.50 2.59
CA LYS D 55 7.77 -29.21 1.97
C LYS D 55 6.37 -28.70 2.27
N ASN D 56 5.45 -29.57 2.68
CA ASN D 56 4.09 -29.14 2.98
C ASN D 56 3.98 -28.49 4.34
N VAL D 57 5.09 -28.48 5.11
CA VAL D 57 5.24 -27.89 6.44
C VAL D 57 3.95 -28.04 7.25
N ASP D 58 3.42 -29.26 7.28
CA ASP D 58 2.19 -29.57 8.01
C ASP D 58 2.44 -29.52 9.52
N HIS D 59 1.58 -28.80 10.24
CA HIS D 59 1.74 -28.65 11.68
C HIS D 59 0.43 -28.15 12.27
N PRO D 60 0.15 -28.45 13.53
CA PRO D 60 -1.05 -27.87 14.18
C PRO D 60 -0.83 -26.40 14.50
N LEU D 61 -1.91 -25.63 14.50
CA LEU D 61 -1.82 -24.24 14.91
C LEU D 61 -1.88 -24.15 16.42
N THR D 62 -1.11 -23.25 16.98
CA THR D 62 -1.00 -23.12 18.44
C THR D 62 -1.91 -22.01 18.98
N GLY D 63 -3.21 -22.20 18.81
CA GLY D 63 -4.20 -21.32 19.41
C GLY D 63 -5.32 -22.12 20.07
N ASN D 64 -6.48 -21.49 20.29
CA ASN D 64 -7.67 -22.24 20.77
C ASN D 64 -8.38 -22.66 19.51
N TRP D 65 -7.72 -23.47 18.67
CA TRP D 65 -8.29 -23.79 17.35
C TRP D 65 -8.72 -25.24 17.26
N VAL D 66 -9.06 -25.82 18.40
CA VAL D 66 -9.67 -27.14 18.38
C VAL D 66 -8.93 -28.07 17.44
N GLY D 67 -7.61 -28.03 17.47
CA GLY D 67 -6.88 -29.04 16.73
C GLY D 67 -6.73 -28.80 15.25
N PHE D 68 -7.17 -27.65 14.72
CA PHE D 68 -7.00 -27.45 13.30
C PHE D 68 -5.52 -27.30 12.95
N ARG D 69 -5.20 -27.64 11.71
CA ARG D 69 -3.84 -27.71 11.23
C ARG D 69 -3.65 -26.84 10.00
N ASP D 70 -2.39 -26.58 9.68
CA ASP D 70 -1.98 -25.73 8.57
C ASP D 70 -0.93 -26.49 7.78
N CYS D 71 -1.11 -26.58 6.46
CA CYS D 71 -0.09 -27.12 5.57
C CYS D 71 -0.03 -26.26 4.32
N HIS D 72 1.13 -26.24 3.69
CA HIS D 72 1.32 -25.46 2.47
C HIS D 72 1.24 -26.37 1.26
N ILE D 73 0.18 -26.19 0.48
CA ILE D 73 0.15 -26.81 -0.84
C ILE D 73 1.15 -26.12 -1.76
N LYS D 74 1.26 -24.81 -1.64
CA LYS D 74 2.38 -24.05 -2.17
C LYS D 74 2.80 -23.13 -1.03
N PRO D 75 4.00 -22.53 -1.11
CA PRO D 75 4.40 -21.61 -0.02
C PRO D 75 3.38 -20.52 0.25
N ASP D 76 2.61 -20.09 -0.76
CA ASP D 76 1.59 -19.07 -0.55
C ASP D 76 0.18 -19.61 -0.78
N LEU D 77 0.00 -20.92 -0.69
CA LEU D 77 -1.31 -21.55 -0.80
C LEU D 77 -1.44 -22.54 0.37
N VAL D 78 -2.23 -22.12 1.36
CA VAL D 78 -2.34 -22.74 2.67
C VAL D 78 -3.70 -23.42 2.77
N LEU D 79 -3.70 -24.64 3.31
CA LEU D 79 -4.93 -25.37 3.61
C LEU D 79 -5.06 -25.46 5.14
N ILE D 80 -6.22 -25.01 5.67
CA ILE D 80 -6.56 -25.14 7.09
C ILE D 80 -7.55 -26.30 7.21
N TYR D 81 -7.27 -27.28 8.07
CA TYR D 81 -8.07 -28.50 8.08
C TYR D 81 -7.91 -29.19 9.43
N ARG D 82 -8.79 -30.16 9.69
CA ARG D 82 -8.59 -31.06 10.83
C ARG D 82 -9.20 -32.42 10.53
N VAL D 83 -8.73 -33.42 11.27
CA VAL D 83 -9.37 -34.73 11.28
C VAL D 83 -10.08 -34.88 12.62
N PHE D 84 -11.39 -35.02 12.57
CA PHE D 84 -12.21 -35.22 13.76
C PHE D 84 -13.12 -36.42 13.57
N ASN D 85 -13.13 -37.34 14.56
CA ASN D 85 -13.74 -38.65 14.36
C ASN D 85 -13.14 -39.32 13.13
N ASP D 86 -13.99 -39.60 12.14
CA ASP D 86 -13.53 -40.09 10.86
C ASP D 86 -13.93 -39.12 9.75
N GLN D 87 -13.77 -37.84 10.03
CA GLN D 87 -14.09 -36.79 9.09
C GLN D 87 -12.83 -35.96 8.84
N LEU D 88 -12.51 -35.76 7.57
CA LEU D 88 -11.52 -34.77 7.17
C LEU D 88 -12.29 -33.49 6.86
N GLN D 89 -12.06 -32.45 7.67
CA GLN D 89 -12.81 -31.21 7.61
C GLN D 89 -11.90 -30.11 7.07
N LEU D 90 -12.33 -29.50 5.97
CA LEU D 90 -11.54 -28.51 5.25
C LEU D 90 -12.14 -27.12 5.51
N ALA D 91 -11.42 -26.27 6.24
CA ALA D 91 -11.94 -24.98 6.67
C ALA D 91 -11.64 -23.86 5.68
N ARG D 92 -10.40 -23.73 5.22
CA ARG D 92 -10.02 -22.65 4.34
C ARG D 92 -8.94 -23.14 3.39
N ILE D 93 -8.85 -22.47 2.24
CA ILE D 93 -7.70 -22.62 1.34
C ILE D 93 -7.44 -21.26 0.69
N GLY D 94 -6.21 -20.81 0.74
CA GLY D 94 -5.85 -19.51 0.20
C GLY D 94 -4.49 -19.08 0.71
N SER D 95 -4.18 -17.81 0.43
CA SER D 95 -2.91 -17.21 0.84
C SER D 95 -2.93 -16.91 2.33
N GLN D 96 -1.73 -16.66 2.88
CA GLN D 96 -1.65 -16.19 4.26
C GLN D 96 -2.50 -14.94 4.47
N SER D 97 -2.52 -14.02 3.48
CA SER D 97 -3.31 -12.78 3.60
C SER D 97 -4.80 -13.04 3.67
N ASP D 98 -5.31 -14.06 2.98
CA ASP D 98 -6.73 -14.42 3.03
C ASP D 98 -7.10 -15.08 4.36
N LEU D 99 -6.19 -15.84 4.96
CA LEU D 99 -6.56 -16.72 6.07
C LEU D 99 -6.27 -16.13 7.45
N PHE D 100 -5.24 -15.29 7.57
CA PHE D 100 -4.71 -14.83 8.85
C PHE D 100 -4.82 -13.32 9.15
N MET E 3 -14.63 26.00 18.21
CA MET E 3 -14.72 24.58 17.86
C MET E 3 -15.27 24.40 16.44
N ARG E 4 -14.62 23.54 15.65
CA ARG E 4 -15.11 23.16 14.31
C ARG E 4 -14.94 21.66 14.13
N THR E 5 -16.02 20.90 14.36
CA THR E 5 -16.01 19.44 14.22
C THR E 5 -16.79 19.03 12.96
N GLU E 6 -16.33 17.95 12.35
CA GLU E 6 -16.94 17.33 11.18
C GLU E 6 -17.19 15.85 11.48
N MET E 7 -17.83 15.17 10.54
CA MET E 7 -18.10 13.74 10.67
C MET E 7 -17.14 12.97 9.78
N LEU E 8 -16.68 11.83 10.27
CA LEU E 8 -15.90 10.87 9.51
C LEU E 8 -16.69 9.57 9.54
N SER E 9 -17.01 9.02 8.37
CA SER E 9 -17.98 7.92 8.33
C SER E 9 -17.72 6.97 7.18
N THR E 10 -18.22 5.74 7.35
CA THR E 10 -18.13 4.66 6.36
C THR E 10 -19.42 3.84 6.36
N ARG E 11 -19.76 3.29 5.19
CA ARG E 11 -20.73 2.21 5.13
C ARG E 11 -20.04 0.89 5.43
N ILE E 12 -20.71 0.05 6.22
CA ILE E 12 -20.18 -1.29 6.56
C ILE E 12 -21.38 -2.24 6.61
N ASP E 13 -21.16 -3.54 6.37
CA ASP E 13 -22.25 -4.49 6.45
C ASP E 13 -22.75 -4.61 7.88
N HIS E 14 -24.00 -5.08 7.99
CA HIS E 14 -24.65 -5.21 9.30
C HIS E 14 -23.88 -6.17 10.18
N ASP E 15 -23.50 -7.33 9.63
CA ASP E 15 -22.77 -8.33 10.39
C ASP E 15 -21.45 -7.75 10.92
N THR E 16 -20.74 -7.00 10.07
CA THR E 16 -19.49 -6.36 10.48
C THR E 16 -19.73 -5.38 11.60
N LYS E 17 -20.79 -4.57 11.45
CA LYS E 17 -21.13 -3.57 12.48
C LYS E 17 -21.31 -4.30 13.82
N ILE E 18 -22.20 -5.28 13.86
CA ILE E 18 -22.43 -6.03 15.11
C ILE E 18 -21.11 -6.53 15.72
N ALA E 19 -20.28 -7.21 14.90
CA ALA E 19 -19.06 -7.80 15.44
C ALA E 19 -18.14 -6.73 16.01
N PHE E 20 -17.96 -5.63 15.26
CA PHE E 20 -17.10 -4.55 15.70
C PHE E 20 -17.63 -3.91 16.99
N THR E 21 -18.95 -3.71 17.06
CA THR E 21 -19.55 -3.15 18.26
C THR E 21 -19.31 -4.05 19.47
N ASN E 22 -19.47 -5.38 19.30
CA ASN E 22 -19.26 -6.33 20.39
C ASN E 22 -17.79 -6.35 20.86
N VAL E 23 -16.84 -6.35 19.93
CA VAL E 23 -15.43 -6.31 20.33
C VAL E 23 -15.14 -5.01 21.09
N CYS E 24 -15.65 -3.89 20.57
CA CYS E 24 -15.45 -2.62 21.28
C CYS E 24 -16.10 -2.64 22.66
N ASP E 25 -17.29 -3.24 22.80
CA ASP E 25 -17.90 -3.36 24.13
C ASP E 25 -17.00 -4.12 25.09
N GLU E 26 -16.43 -5.24 24.65
CA GLU E 26 -15.60 -6.01 25.56
C GLU E 26 -14.34 -5.25 25.94
N MET E 27 -13.86 -4.35 25.06
CA MET E 27 -12.66 -3.58 25.41
C MET E 27 -12.97 -2.38 26.29
N GLY E 28 -14.22 -1.96 26.39
CA GLY E 28 -14.59 -0.83 27.19
C GLY E 28 -14.66 0.49 26.46
N LEU E 29 -14.91 0.48 25.16
CA LEU E 29 -15.10 1.75 24.45
C LEU E 29 -16.15 1.61 23.34
N SER E 30 -16.71 2.75 22.96
CA SER E 30 -17.70 2.81 21.89
C SER E 30 -17.03 2.78 20.51
N THR E 31 -17.82 2.43 19.51
CA THR E 31 -17.29 2.41 18.14
C THR E 31 -16.86 3.80 17.67
N SER E 32 -17.61 4.85 18.04
CA SER E 32 -17.17 6.20 17.69
C SER E 32 -15.81 6.50 18.31
N GLN E 33 -15.63 6.17 19.59
CA GLN E 33 -14.33 6.43 20.20
C GLN E 33 -13.23 5.62 19.53
N ALA E 34 -13.53 4.36 19.18
CA ALA E 34 -12.53 3.51 18.52
C ALA E 34 -12.12 4.10 17.18
N ILE E 35 -13.07 4.61 16.41
CA ILE E 35 -12.74 5.16 15.10
C ILE E 35 -11.93 6.46 15.25
N LYS E 36 -12.27 7.29 16.24
CA LYS E 36 -11.45 8.46 16.48
C LYS E 36 -10.01 8.07 16.86
N LEU E 37 -9.89 7.04 17.70
CA LEU E 37 -8.56 6.55 18.08
C LEU E 37 -7.78 6.09 16.86
N PHE E 38 -8.45 5.41 15.93
CA PHE E 38 -7.78 4.98 14.70
C PHE E 38 -7.32 6.17 13.86
N ALA E 39 -8.19 7.15 13.65
CA ALA E 39 -7.81 8.30 12.83
C ALA E 39 -6.63 9.04 13.44
N LYS E 40 -6.67 9.28 14.75
CA LYS E 40 -5.57 9.98 15.38
C LYS E 40 -4.30 9.13 15.34
N ALA E 41 -4.43 7.80 15.48
CA ALA E 41 -3.26 6.93 15.41
C ALA E 41 -2.61 6.99 14.03
N VAL E 42 -3.45 7.02 12.99
CA VAL E 42 -2.93 7.09 11.62
C VAL E 42 -2.18 8.40 11.40
N ILE E 43 -2.72 9.51 11.93
CA ILE E 43 -2.02 10.80 11.89
C ILE E 43 -0.73 10.77 12.72
N ASN E 44 -0.79 10.19 13.94
CA ASN E 44 0.35 10.23 14.84
C ASN E 44 1.50 9.39 14.33
N HIS E 45 1.21 8.34 13.58
CA HIS E 45 2.26 7.51 13.01
C HIS E 45 2.62 7.93 11.59
N GLY E 46 1.84 8.82 10.99
CA GLY E 46 2.03 9.12 9.57
C GLY E 46 1.85 7.91 8.69
N GLY E 47 0.92 7.01 9.04
CA GLY E 47 0.72 5.77 8.33
C GLY E 47 -0.22 4.87 9.11
N ILE E 48 -0.61 3.77 8.48
CA ILE E 48 -1.55 2.83 9.07
C ILE E 48 -0.72 1.78 9.86
N PRO E 49 -0.85 1.74 11.20
CA PRO E 49 0.10 0.93 11.99
C PRO E 49 -0.28 -0.54 12.13
N PHE E 50 -0.75 -1.17 11.07
CA PHE E 50 -1.03 -2.62 11.08
C PHE E 50 -1.17 -3.05 9.63
N GLU E 51 -1.29 -4.36 9.40
CA GLU E 51 -1.20 -4.87 8.05
C GLU E 51 -2.38 -4.45 7.18
N LEU E 52 -2.08 -4.04 5.94
CA LEU E 52 -3.05 -3.65 4.92
C LEU E 52 -3.41 -4.86 4.07
N ARG E 53 -4.43 -4.67 3.21
CA ARG E 53 -4.88 -5.59 2.15
C ARG E 53 -4.34 -7.02 2.32
N GLN E 56 -2.02 -5.33 -2.77
CA GLN E 56 -2.35 -3.97 -3.21
C GLN E 56 -3.06 -3.98 -4.57
N PRO E 57 -4.10 -3.17 -4.72
CA PRO E 57 -4.72 -3.03 -6.05
C PRO E 57 -3.79 -2.34 -7.05
N ASN E 58 -3.89 -2.76 -8.33
CA ASN E 58 -3.15 -2.10 -9.40
C ASN E 58 -3.98 -2.20 -10.68
N GLU E 59 -4.46 -1.04 -11.13
CA GLU E 59 -5.36 -0.97 -12.29
C GLU E 59 -4.68 -1.39 -13.58
N VAL E 60 -3.42 -0.99 -13.76
CA VAL E 60 -2.67 -1.31 -14.97
C VAL E 60 -2.49 -2.82 -15.09
N THR E 61 -2.03 -3.47 -14.03
CA THR E 61 -1.85 -4.92 -14.07
C THR E 61 -3.19 -5.62 -14.24
N ALA E 62 -4.23 -5.13 -13.56
CA ALA E 62 -5.55 -5.74 -13.68
C ALA E 62 -6.04 -5.67 -15.12
N SER E 63 -5.86 -4.53 -15.78
CA SER E 63 -6.27 -4.43 -17.17
C SER E 63 -5.45 -5.35 -18.08
N ALA E 64 -4.13 -5.45 -17.85
CA ALA E 64 -3.31 -6.33 -18.67
C ALA E 64 -3.76 -7.78 -18.53
N ILE E 65 -3.95 -8.23 -17.29
CA ILE E 65 -4.42 -9.58 -17.02
C ILE E 65 -5.77 -9.82 -17.67
N GLN E 66 -6.69 -8.85 -17.55
CA GLN E 66 -8.00 -8.98 -18.15
C GLN E 66 -7.93 -9.07 -19.67
N GLU E 67 -7.06 -8.27 -20.30
CA GLU E 67 -6.89 -8.33 -21.75
C GLU E 67 -6.42 -9.71 -22.19
N LEU E 68 -5.45 -10.29 -21.47
CA LEU E 68 -4.98 -11.62 -21.83
C LEU E 68 -6.06 -12.66 -21.61
N VAL E 69 -6.77 -12.57 -20.48
CA VAL E 69 -7.77 -13.57 -20.11
C VAL E 69 -8.91 -13.57 -21.13
N GLU E 70 -9.24 -12.41 -21.69
CA GLU E 70 -10.26 -12.30 -22.72
C GLU E 70 -9.77 -12.71 -24.11
N GLY E 71 -8.56 -13.26 -24.21
CA GLY E 71 -8.05 -13.74 -25.48
C GLY E 71 -7.63 -12.68 -26.48
N LYS E 72 -7.27 -11.49 -25.99
CA LYS E 72 -6.96 -10.36 -26.87
C LYS E 72 -5.48 -10.00 -26.86
N GLY E 73 -4.61 -10.91 -26.43
CA GLY E 73 -3.19 -10.62 -26.43
C GLY E 73 -2.60 -10.66 -27.83
N HIS E 74 -1.35 -10.19 -27.94
CA HIS E 74 -0.67 -10.07 -29.22
C HIS E 74 0.31 -11.22 -29.42
N LYS E 75 0.23 -11.85 -30.58
CA LYS E 75 1.10 -12.98 -30.87
C LYS E 75 2.50 -12.53 -31.26
N ALA E 76 3.49 -13.35 -30.90
CA ALA E 76 4.87 -13.17 -31.34
C ALA E 76 5.37 -14.50 -31.86
N GLU E 77 6.19 -14.45 -32.92
CA GLU E 77 6.63 -15.66 -33.58
C GLU E 77 7.75 -16.36 -32.84
N SER E 78 8.47 -15.65 -31.98
CA SER E 78 9.59 -16.19 -31.23
C SER E 78 9.99 -15.16 -30.20
N VAL E 79 10.79 -15.58 -29.22
CA VAL E 79 11.27 -14.62 -28.23
C VAL E 79 12.18 -13.60 -28.90
N GLU E 80 13.00 -14.06 -29.86
CA GLU E 80 13.91 -13.16 -30.56
C GLU E 80 13.16 -12.10 -31.34
N ALA E 81 12.12 -12.50 -32.09
CA ALA E 81 11.32 -11.54 -32.84
C ALA E 81 10.62 -10.55 -31.92
N MET E 82 10.08 -11.07 -30.80
CA MET E 82 9.43 -10.20 -29.82
C MET E 82 10.40 -9.16 -29.27
N LEU E 83 11.59 -9.62 -28.85
CA LEU E 83 12.56 -8.70 -28.29
C LEU E 83 13.00 -7.68 -29.33
N ASN E 84 13.19 -8.14 -30.57
CA ASN E 84 13.61 -7.22 -31.63
C ASN E 84 12.58 -6.11 -31.83
N GLU E 85 11.30 -6.47 -31.87
CA GLU E 85 10.25 -5.46 -32.04
C GLU E 85 10.12 -4.56 -30.81
N LEU E 86 10.08 -5.16 -29.62
CA LEU E 86 9.80 -4.39 -28.40
C LEU E 86 10.98 -3.54 -27.92
N THR E 87 12.20 -3.82 -28.38
CA THR E 87 13.37 -3.00 -28.11
C THR E 87 13.71 -2.08 -29.28
N GLU E 88 12.94 -2.15 -30.36
CA GLU E 88 13.17 -1.36 -31.57
C GLU E 88 14.60 -1.52 -32.09
N GLY E 89 15.12 -2.75 -32.02
CA GLY E 89 16.39 -3.11 -32.60
C GLY E 89 17.56 -3.33 -31.66
N LYS E 90 17.42 -3.04 -30.37
CA LYS E 90 18.56 -3.23 -29.46
C LYS E 90 19.06 -4.69 -29.41
N SER F 11 10.88 -23.80 -27.61
CA SER F 11 9.84 -22.81 -27.82
C SER F 11 8.47 -23.48 -28.01
N MET F 12 8.28 -24.60 -27.30
CA MET F 12 7.10 -25.43 -27.49
C MET F 12 5.77 -24.66 -27.38
N TYR F 13 5.63 -23.78 -26.37
CA TYR F 13 4.41 -22.95 -26.25
C TYR F 13 4.43 -21.81 -27.28
N LYS F 14 3.23 -21.39 -27.70
CA LYS F 14 3.09 -20.14 -28.46
C LYS F 14 3.31 -18.94 -27.54
N LEU F 15 3.68 -17.81 -28.14
CA LEU F 15 4.06 -16.61 -27.39
C LEU F 15 3.02 -15.51 -27.58
N GLU F 16 2.47 -15.00 -26.47
CA GLU F 16 1.54 -13.88 -26.54
C GLU F 16 1.84 -12.87 -25.46
N TYR F 17 1.67 -11.59 -25.78
CA TYR F 17 1.92 -10.53 -24.81
C TYR F 17 0.83 -9.48 -24.87
N SER F 18 0.61 -8.81 -23.73
CA SER F 18 -0.38 -7.74 -23.60
C SER F 18 0.17 -6.45 -24.19
N THR F 19 -0.75 -5.52 -24.50
CA THR F 19 -0.36 -4.17 -24.90
C THR F 19 0.49 -3.52 -23.82
N GLN F 20 0.06 -3.68 -22.57
CA GLN F 20 0.79 -3.13 -21.46
C GLN F 20 2.19 -3.72 -21.36
N PHE F 21 2.37 -4.98 -21.76
CA PHE F 21 3.70 -5.58 -21.76
C PHE F 21 4.63 -4.85 -22.72
N LYS F 22 4.12 -4.50 -23.91
CA LYS F 22 4.90 -3.70 -24.86
C LYS F 22 5.24 -2.33 -24.28
N LYS F 23 4.26 -1.69 -23.61
CA LYS F 23 4.56 -0.38 -23.02
C LYS F 23 5.60 -0.49 -21.91
N ASP F 24 5.53 -1.57 -21.12
CA ASP F 24 6.57 -1.84 -20.12
C ASP F 24 7.93 -2.04 -20.78
N PHE F 25 7.94 -2.69 -21.93
CA PHE F 25 9.22 -2.97 -22.56
C PHE F 25 9.87 -1.71 -23.10
N LYS F 26 9.12 -0.63 -23.26
CA LYS F 26 9.82 0.62 -23.53
C LYS F 26 10.75 1.02 -22.38
N LYS F 27 10.33 0.77 -21.13
CA LYS F 27 11.24 0.99 -20.00
C LYS F 27 12.34 -0.05 -19.97
N ILE F 28 12.01 -1.29 -20.33
CA ILE F 28 13.03 -2.35 -20.29
C ILE F 28 14.13 -2.06 -21.31
N THR F 29 13.76 -1.48 -22.47
CA THR F 29 14.70 -1.21 -23.55
C THR F 29 15.85 -0.33 -23.09
N LYS F 30 15.58 0.54 -22.10
CA LYS F 30 16.60 1.45 -21.58
C LYS F 30 17.66 0.74 -20.75
N MET F 31 17.40 -0.49 -20.32
CA MET F 31 18.36 -1.23 -19.52
C MET F 31 19.54 -1.70 -20.37
N PRO F 32 20.64 -2.07 -19.74
CA PRO F 32 21.79 -2.60 -20.51
C PRO F 32 21.42 -3.87 -21.24
N ILE F 33 22.16 -4.10 -22.31
CA ILE F 33 21.90 -5.21 -23.22
C ILE F 33 21.90 -6.53 -22.47
N SER F 34 22.85 -6.70 -21.53
CA SER F 34 22.91 -7.91 -20.72
C SER F 34 21.58 -8.19 -20.02
N ASP F 35 20.97 -7.14 -19.44
CA ASP F 35 19.70 -7.35 -18.72
C ASP F 35 18.58 -7.73 -19.68
N ILE F 36 18.54 -7.11 -20.86
CA ILE F 36 17.50 -7.43 -21.83
C ILE F 36 17.62 -8.89 -22.30
N ILE F 37 18.84 -9.34 -22.56
CA ILE F 37 19.01 -10.73 -22.94
C ILE F 37 18.60 -11.65 -21.80
N GLU F 38 18.89 -11.27 -20.55
CA GLU F 38 18.48 -12.13 -19.45
C GLU F 38 16.95 -12.19 -19.36
N VAL F 39 16.26 -11.09 -19.65
CA VAL F 39 14.80 -11.15 -19.73
C VAL F 39 14.39 -12.18 -20.79
N GLY F 40 14.99 -12.09 -21.97
CA GLY F 40 14.67 -13.04 -23.02
C GLY F 40 14.98 -14.49 -22.66
N ASN F 41 16.10 -14.71 -21.94
CA ASN F 41 16.47 -16.06 -21.52
C ASN F 41 15.45 -16.64 -20.55
N VAL F 42 14.97 -15.82 -19.61
CA VAL F 42 13.94 -16.32 -18.69
C VAL F 42 12.67 -16.66 -19.47
N ILE F 43 12.25 -15.78 -20.37
CA ILE F 43 11.03 -16.04 -21.14
C ILE F 43 11.19 -17.30 -21.99
N SER F 44 12.39 -17.53 -22.54
CA SER F 44 12.63 -18.72 -23.34
C SER F 44 12.55 -19.98 -22.49
N LYS F 45 13.09 -19.93 -21.27
CA LYS F 45 12.94 -21.05 -20.36
C LYS F 45 11.48 -21.35 -20.14
N LEU F 46 10.69 -20.31 -19.87
CA LEU F 46 9.26 -20.50 -19.60
C LEU F 46 8.55 -21.07 -20.81
N GLN F 47 8.92 -20.60 -22.01
CA GLN F 47 8.31 -21.08 -23.24
C GLN F 47 8.59 -22.56 -23.47
N ARG F 48 9.76 -23.03 -23.04
CA ARG F 48 10.08 -24.44 -23.21
C ARG F 48 9.55 -25.28 -22.05
N GLY F 49 8.86 -24.67 -21.09
CA GLY F 49 8.36 -25.42 -19.96
C GLY F 49 9.40 -25.78 -18.92
N GLU F 50 10.52 -25.05 -18.84
CA GLU F 50 11.61 -25.41 -17.94
C GLU F 50 11.48 -24.68 -16.61
N LYS F 51 11.86 -25.38 -15.55
CA LYS F 51 11.85 -24.79 -14.21
C LYS F 51 12.96 -23.73 -14.13
N LEU F 52 12.65 -22.61 -13.49
CA LEU F 52 13.58 -21.49 -13.33
C LEU F 52 14.58 -21.73 -12.18
N GLU F 53 15.58 -20.83 -12.09
CA GLU F 53 16.61 -20.94 -11.07
C GLU F 53 16.06 -20.52 -9.70
N PRO F 54 16.68 -21.00 -8.61
CA PRO F 54 16.20 -20.59 -7.27
C PRO F 54 16.12 -19.09 -7.08
N LYS F 55 17.12 -18.36 -7.58
CA LYS F 55 17.09 -16.91 -7.44
C LYS F 55 15.90 -16.28 -8.13
N ASN F 56 15.28 -16.95 -9.13
CA ASN F 56 14.12 -16.37 -9.79
C ASN F 56 12.86 -16.43 -8.91
N VAL F 57 12.93 -17.12 -7.76
CA VAL F 57 11.85 -17.25 -6.80
C VAL F 57 10.49 -17.30 -7.52
N ASP F 58 10.38 -18.17 -8.52
CA ASP F 58 9.16 -18.32 -9.32
C ASP F 58 8.02 -18.86 -8.45
N HIS F 59 6.83 -18.26 -8.53
CA HIS F 59 5.76 -18.68 -7.64
C HIS F 59 4.40 -18.27 -8.20
N PRO F 60 3.32 -18.98 -7.86
CA PRO F 60 1.98 -18.55 -8.28
C PRO F 60 1.50 -17.35 -7.48
N LEU F 61 0.72 -16.49 -8.14
CA LEU F 61 0.18 -15.31 -7.48
C LEU F 61 -1.15 -15.63 -6.78
N THR F 62 -1.37 -14.97 -5.65
CA THR F 62 -2.59 -15.11 -4.86
C THR F 62 -3.48 -13.88 -5.02
N GLY F 63 -4.66 -13.94 -4.41
CA GLY F 63 -5.53 -12.78 -4.45
C GLY F 63 -6.07 -12.51 -5.85
N ASN F 64 -6.23 -11.22 -6.17
CA ASN F 64 -6.80 -10.83 -7.49
C ASN F 64 -5.94 -11.39 -8.63
N TRP F 65 -4.64 -11.61 -8.39
CA TRP F 65 -3.76 -12.03 -9.45
C TRP F 65 -3.75 -13.54 -9.63
N VAL F 66 -4.69 -14.25 -9.01
CA VAL F 66 -4.68 -15.70 -9.03
C VAL F 66 -4.92 -16.19 -10.46
N GLY F 67 -4.28 -17.28 -10.81
CA GLY F 67 -4.24 -17.72 -12.19
C GLY F 67 -3.03 -17.22 -12.94
N PHE F 68 -2.18 -16.43 -12.30
CA PHE F 68 -0.99 -15.90 -12.93
C PHE F 68 0.22 -16.16 -12.03
N ARG F 69 1.40 -16.03 -12.62
CA ARG F 69 2.63 -16.34 -11.87
C ARG F 69 3.57 -15.14 -11.85
N ASP F 70 4.53 -15.16 -10.94
CA ASP F 70 5.50 -14.06 -10.83
C ASP F 70 6.89 -14.66 -10.67
N CYS F 71 7.83 -14.18 -11.47
CA CYS F 71 9.24 -14.60 -11.34
C CYS F 71 10.09 -13.32 -11.22
N HIS F 72 11.21 -13.39 -10.52
CA HIS F 72 12.12 -12.26 -10.45
C HIS F 72 13.22 -12.46 -11.47
N ILE F 73 13.18 -11.71 -12.55
CA ILE F 73 14.32 -11.73 -13.46
C ILE F 73 15.50 -11.05 -12.79
N LYS F 74 15.24 -9.98 -12.07
CA LYS F 74 16.19 -9.42 -11.13
C LYS F 74 15.43 -9.22 -9.83
N PRO F 75 16.11 -9.03 -8.70
CA PRO F 75 15.36 -8.83 -7.45
C PRO F 75 14.30 -7.74 -7.53
N ASP F 76 14.50 -6.70 -8.34
CA ASP F 76 13.49 -5.64 -8.49
C ASP F 76 12.95 -5.58 -9.92
N LEU F 77 13.05 -6.68 -10.67
CA LEU F 77 12.48 -6.76 -12.01
C LEU F 77 11.69 -8.04 -12.09
N VAL F 78 10.36 -7.87 -12.14
CA VAL F 78 9.36 -8.92 -12.02
C VAL F 78 8.65 -9.11 -13.36
N LEU F 79 8.42 -10.36 -13.72
CA LEU F 79 7.60 -10.76 -14.87
C LEU F 79 6.32 -11.38 -14.34
N ILE F 80 5.17 -10.89 -14.79
CA ILE F 80 3.89 -11.52 -14.49
C ILE F 80 3.44 -12.23 -15.77
N TYR F 81 3.12 -13.53 -15.66
CA TYR F 81 2.89 -14.38 -16.83
C TYR F 81 2.00 -15.54 -16.44
N ARG F 82 1.50 -16.26 -17.44
CA ARG F 82 0.91 -17.56 -17.18
C ARG F 82 1.04 -18.43 -18.42
N VAL F 83 0.91 -19.73 -18.23
CA VAL F 83 0.75 -20.67 -19.32
C VAL F 83 -0.73 -21.05 -19.34
N PHE F 84 -1.41 -20.74 -20.43
CA PHE F 84 -2.82 -21.03 -20.59
C PHE F 84 -2.99 -21.81 -21.88
N ASN F 85 -3.63 -22.97 -21.80
CA ASN F 85 -3.62 -23.89 -22.93
C ASN F 85 -2.20 -24.20 -23.39
N ASP F 86 -1.92 -23.82 -24.64
CA ASP F 86 -0.63 -23.99 -25.29
C ASP F 86 0.08 -22.65 -25.47
N GLN F 87 -0.27 -21.68 -24.63
CA GLN F 87 0.26 -20.32 -24.88
C GLN F 87 0.88 -19.65 -23.64
N LEU F 88 2.13 -19.23 -23.74
CA LEU F 88 2.79 -18.47 -22.70
C LEU F 88 2.36 -17.02 -22.90
N GLN F 89 1.63 -16.48 -21.93
CA GLN F 89 1.05 -15.14 -21.98
C GLN F 89 1.77 -14.23 -20.99
N LEU F 90 2.32 -13.13 -21.49
CA LEU F 90 3.15 -12.20 -20.72
C LEU F 90 2.32 -10.96 -20.44
N ALA F 91 1.99 -10.74 -19.17
CA ALA F 91 1.09 -9.68 -18.74
C ALA F 91 1.82 -8.36 -18.44
N ARG F 92 2.89 -8.44 -17.67
CA ARG F 92 3.61 -7.21 -17.30
C ARG F 92 5.05 -7.49 -16.93
N ILE F 93 5.92 -6.50 -17.10
CA ILE F 93 7.30 -6.59 -16.64
C ILE F 93 7.71 -5.24 -16.06
N GLY F 94 8.24 -5.26 -14.84
CA GLY F 94 8.65 -4.03 -14.19
C GLY F 94 8.92 -4.25 -12.71
N SER F 95 9.10 -3.13 -12.00
CA SER F 95 9.41 -3.19 -10.58
C SER F 95 8.18 -3.62 -9.78
N GLN F 96 8.43 -4.06 -8.53
CA GLN F 96 7.31 -4.39 -7.66
C GLN F 96 6.36 -3.23 -7.49
N SER F 97 6.91 -2.01 -7.33
CA SER F 97 6.07 -0.83 -7.14
C SER F 97 5.27 -0.49 -8.40
N ASP F 98 5.85 -0.73 -9.58
CA ASP F 98 5.12 -0.47 -10.82
C ASP F 98 4.01 -1.49 -11.07
N LEU F 99 4.19 -2.74 -10.63
CA LEU F 99 3.28 -3.80 -11.04
C LEU F 99 2.20 -4.09 -10.02
N PHE F 100 2.47 -3.87 -8.74
CA PHE F 100 1.50 -4.19 -7.72
C PHE F 100 1.05 -2.90 -7.00
N MET G 3 -25.78 -8.03 2.82
CA MET G 3 -26.69 -7.14 2.09
C MET G 3 -26.94 -5.85 2.85
N ARG G 4 -27.56 -5.98 4.04
CA ARG G 4 -27.88 -4.82 4.86
C ARG G 4 -26.62 -4.01 5.13
N THR G 5 -26.69 -2.71 4.90
CA THR G 5 -25.56 -1.81 5.12
C THR G 5 -25.95 -0.70 6.09
N GLU G 6 -25.04 -0.40 6.99
CA GLU G 6 -25.20 0.59 8.02
C GLU G 6 -24.06 1.59 7.89
N MET G 7 -23.93 2.47 8.87
CA MET G 7 -22.89 3.47 8.83
C MET G 7 -22.15 3.46 10.16
N LEU G 8 -20.84 3.58 10.08
CA LEU G 8 -19.97 3.82 11.23
C LEU G 8 -19.40 5.22 11.11
N SER G 9 -19.39 5.96 12.21
CA SER G 9 -18.99 7.36 12.14
C SER G 9 -18.37 7.79 13.46
N THR G 10 -17.63 8.90 13.41
CA THR G 10 -17.11 9.57 14.59
C THR G 10 -17.14 11.08 14.34
N ARG G 11 -17.19 11.83 15.43
CA ARG G 11 -17.09 13.28 15.43
C ARG G 11 -15.61 13.65 15.63
N ILE G 12 -15.02 14.41 14.67
CA ILE G 12 -13.62 14.83 14.73
C ILE G 12 -13.48 16.23 14.17
N ASP G 13 -12.45 16.95 14.60
CA ASP G 13 -12.39 18.31 14.08
C ASP G 13 -11.75 18.34 12.70
N HIS G 14 -11.89 19.50 12.06
CA HIS G 14 -11.54 19.63 10.65
C HIS G 14 -10.10 19.26 10.40
N ASP G 15 -9.20 19.76 11.25
CA ASP G 15 -7.77 19.46 11.12
C ASP G 15 -7.52 17.95 11.11
N THR G 16 -8.14 17.23 12.04
CA THR G 16 -7.97 15.78 12.05
C THR G 16 -8.52 15.16 10.77
N LYS G 17 -9.70 15.58 10.31
CA LYS G 17 -10.27 14.96 9.12
C LYS G 17 -9.34 15.13 7.92
N ILE G 18 -8.84 16.36 7.69
CA ILE G 18 -7.98 16.54 6.53
C ILE G 18 -6.65 15.78 6.72
N ALA G 19 -6.03 15.85 7.91
CA ALA G 19 -4.75 15.17 8.09
C ALA G 19 -4.88 13.65 7.89
N PHE G 20 -5.95 13.07 8.43
CA PHE G 20 -6.24 11.66 8.23
C PHE G 20 -6.50 11.35 6.74
N THR G 21 -7.31 12.19 6.07
CA THR G 21 -7.59 11.97 4.65
C THR G 21 -6.30 12.00 3.83
N ASN G 22 -5.41 12.92 4.16
CA ASN G 22 -4.18 13.01 3.41
C ASN G 22 -3.33 11.76 3.58
N VAL G 23 -3.22 11.26 4.82
CA VAL G 23 -2.43 10.04 4.99
C VAL G 23 -3.06 8.90 4.20
N CYS G 24 -4.39 8.78 4.23
CA CYS G 24 -5.05 7.69 3.52
C CYS G 24 -4.83 7.79 2.02
N ASP G 25 -4.96 9.00 1.46
CA ASP G 25 -4.69 9.19 0.05
C ASP G 25 -3.26 8.77 -0.27
N GLU G 26 -2.30 9.24 0.52
CA GLU G 26 -0.92 8.89 0.24
C GLU G 26 -0.69 7.38 0.35
N MET G 27 -1.53 6.68 1.11
CA MET G 27 -1.46 5.23 1.25
C MET G 27 -2.28 4.47 0.19
N GLY G 28 -2.94 5.17 -0.73
CA GLY G 28 -3.72 4.49 -1.75
C GLY G 28 -5.09 4.01 -1.31
N LEU G 29 -5.67 4.59 -0.26
CA LEU G 29 -6.92 4.16 0.33
C LEU G 29 -7.90 5.32 0.42
N SER G 30 -9.18 5.05 0.18
CA SER G 30 -10.21 5.98 0.62
C SER G 30 -10.37 5.89 2.14
N THR G 31 -10.93 6.95 2.75
CA THR G 31 -11.14 6.93 4.21
C THR G 31 -12.15 5.86 4.61
N SER G 32 -13.18 5.67 3.78
CA SER G 32 -14.14 4.61 4.04
C SER G 32 -13.46 3.25 4.06
N GLN G 33 -12.61 2.99 3.05
CA GLN G 33 -11.86 1.73 2.98
C GLN G 33 -10.98 1.56 4.21
N ALA G 34 -10.30 2.64 4.63
CA ALA G 34 -9.41 2.60 5.79
C ALA G 34 -10.17 2.28 7.08
N ILE G 35 -11.33 2.90 7.26
CA ILE G 35 -12.12 2.64 8.46
C ILE G 35 -12.62 1.21 8.46
N LYS G 36 -13.01 0.70 7.30
CA LYS G 36 -13.48 -0.70 7.19
C LYS G 36 -12.31 -1.67 7.49
N LEU G 37 -11.10 -1.30 7.06
CA LEU G 37 -9.91 -2.13 7.35
C LEU G 37 -9.65 -2.14 8.86
N PHE G 38 -9.80 -0.99 9.52
CA PHE G 38 -9.58 -0.95 10.96
C PHE G 38 -10.63 -1.81 11.65
N ALA G 39 -11.91 -1.68 11.23
CA ALA G 39 -12.98 -2.41 11.90
C ALA G 39 -12.77 -3.91 11.75
N LYS G 40 -12.42 -4.35 10.52
CA LYS G 40 -12.13 -5.76 10.26
C LYS G 40 -10.88 -6.23 11.01
N ALA G 41 -9.86 -5.37 11.14
CA ALA G 41 -8.66 -5.80 11.85
C ALA G 41 -8.96 -5.95 13.33
N VAL G 42 -9.77 -5.07 13.88
CA VAL G 42 -10.16 -5.18 15.27
C VAL G 42 -10.97 -6.45 15.51
N ILE G 43 -11.91 -6.77 14.62
CA ILE G 43 -12.64 -8.02 14.74
C ILE G 43 -11.67 -9.20 14.65
N ASN G 44 -10.75 -9.17 13.67
CA ASN G 44 -9.84 -10.28 13.42
C ASN G 44 -8.94 -10.53 14.63
N HIS G 45 -8.37 -9.46 15.17
CA HIS G 45 -7.45 -9.56 16.29
CA HIS G 45 -7.45 -9.54 16.31
C HIS G 45 -8.17 -9.74 17.64
N GLY G 46 -9.46 -9.44 17.70
CA GLY G 46 -10.11 -9.33 19.01
C GLY G 46 -9.54 -8.19 19.83
N GLY G 47 -9.15 -7.10 19.17
CA GLY G 47 -8.55 -5.98 19.86
C GLY G 47 -7.91 -5.04 18.85
N ILE G 48 -7.45 -3.91 19.38
CA ILE G 48 -6.80 -2.91 18.52
C ILE G 48 -5.36 -3.35 18.28
N PRO G 49 -4.99 -3.67 17.01
CA PRO G 49 -3.72 -4.35 16.74
C PRO G 49 -2.52 -3.41 16.63
N PHE G 50 -2.42 -2.47 17.57
CA PHE G 50 -1.28 -1.56 17.67
C PHE G 50 -1.44 -0.83 19.00
N GLU G 51 -0.33 -0.32 19.51
CA GLU G 51 -0.38 0.38 20.77
C GLU G 51 -0.79 1.81 20.50
N LEU G 52 -1.70 2.32 21.32
CA LEU G 52 -2.10 3.71 21.17
C LEU G 52 -0.99 4.63 21.72
N ARG G 53 -0.67 5.69 20.97
CA ARG G 53 0.41 6.56 21.43
C ARG G 53 0.40 7.92 20.73
N VAL G 54 1.17 8.84 21.31
CA VAL G 54 1.35 10.21 20.86
C VAL G 54 2.31 10.18 19.67
N PRO G 55 2.40 11.24 18.87
CA PRO G 55 3.44 11.27 17.83
C PRO G 55 4.81 11.22 18.46
N GLN G 56 5.69 10.50 17.80
CA GLN G 56 7.06 10.39 18.26
C GLN G 56 8.00 10.75 17.11
N PRO G 57 9.09 11.45 17.40
CA PRO G 57 9.99 11.86 16.30
C PRO G 57 10.64 10.64 15.66
N ASN G 58 10.74 10.63 14.33
CA ASN G 58 11.50 9.57 13.72
C ASN G 58 12.98 9.93 13.85
N GLU G 59 13.87 9.08 13.33
CA GLU G 59 15.30 9.32 13.55
C GLU G 59 15.76 10.64 12.92
N VAL G 60 15.31 10.97 11.70
CA VAL G 60 15.73 12.23 11.05
C VAL G 60 15.31 13.44 11.90
N THR G 61 14.08 13.40 12.43
CA THR G 61 13.60 14.49 13.30
C THR G 61 14.42 14.61 14.57
N ALA G 62 14.70 13.46 15.23
CA ALA G 62 15.50 13.45 16.45
C ALA G 62 16.88 14.03 16.20
N SER G 63 17.49 13.67 15.07
CA SER G 63 18.80 14.24 14.77
C SER G 63 18.72 15.75 14.53
N ALA G 64 17.66 16.23 13.85
CA ALA G 64 17.50 17.68 13.69
C ALA G 64 17.41 18.39 15.04
N ILE G 65 16.62 17.80 15.95
CA ILE G 65 16.45 18.38 17.29
C ILE G 65 17.78 18.38 18.05
N GLN G 66 18.52 17.27 17.99
CA GLN G 66 19.78 17.22 18.72
C GLN G 66 20.79 18.21 18.18
N GLU G 67 20.83 18.39 16.86
CA GLU G 67 21.72 19.38 16.28
C GLU G 67 21.37 20.78 16.80
N LEU G 68 20.07 21.10 16.85
CA LEU G 68 19.69 22.42 17.41
C LEU G 68 20.09 22.52 18.88
N VAL G 69 19.77 21.50 19.67
CA VAL G 69 20.03 21.53 21.11
C VAL G 69 21.52 21.58 21.38
N GLU G 70 22.35 21.04 20.48
CA GLU G 70 23.80 21.17 20.61
C GLU G 70 24.33 22.51 20.13
N GLY G 71 23.46 23.44 19.75
CA GLY G 71 23.90 24.74 19.28
C GLY G 71 24.52 24.74 17.91
N LYS G 72 24.22 23.74 17.06
CA LYS G 72 24.86 23.63 15.76
C LYS G 72 23.95 24.04 14.60
N GLY G 73 22.91 24.84 14.87
CA GLY G 73 22.02 25.28 13.82
C GLY G 73 22.66 26.34 12.94
N HIS G 74 21.92 26.77 11.93
CA HIS G 74 22.38 27.78 11.00
C HIS G 74 21.52 29.04 11.15
N LYS G 75 22.17 30.20 11.28
CA LYS G 75 21.46 31.46 11.51
C LYS G 75 20.82 32.02 10.25
N ALA G 76 19.81 32.86 10.46
CA ALA G 76 19.13 33.59 9.39
C ALA G 76 18.78 34.96 9.90
N GLU G 77 18.95 35.97 9.03
CA GLU G 77 18.80 37.35 9.44
C GLU G 77 17.35 37.75 9.63
N SER G 78 16.45 37.15 8.86
CA SER G 78 15.03 37.46 8.93
C SER G 78 14.26 36.32 8.27
N VAL G 79 12.96 36.28 8.50
CA VAL G 79 12.14 35.27 7.82
C VAL G 79 12.25 35.39 6.31
N GLU G 80 12.30 36.63 5.79
CA GLU G 80 12.32 36.85 4.36
C GLU G 80 13.61 36.35 3.72
N ALA G 81 14.76 36.71 4.31
CA ALA G 81 16.02 36.23 3.78
C ALA G 81 16.10 34.72 3.88
N MET G 82 15.57 34.16 4.97
CA MET G 82 15.59 32.72 5.12
C MET G 82 14.80 32.06 4.00
N LEU G 83 13.58 32.55 3.75
CA LEU G 83 12.77 31.97 2.68
C LEU G 83 13.48 32.12 1.34
N ASN G 84 14.09 33.27 1.08
CA ASN G 84 14.78 33.48 -0.20
C ASN G 84 15.91 32.47 -0.38
N GLU G 85 16.76 32.30 0.63
CA GLU G 85 17.82 31.30 0.53
C GLU G 85 17.25 29.90 0.32
N LEU G 86 16.36 29.47 1.22
CA LEU G 86 15.93 28.08 1.18
C LEU G 86 14.97 27.79 0.02
N THR G 87 14.35 28.81 -0.56
CA THR G 87 13.60 28.61 -1.79
C THR G 87 14.42 28.92 -3.04
N GLU G 88 15.71 29.25 -2.88
CA GLU G 88 16.59 29.50 -4.02
C GLU G 88 15.97 30.52 -4.98
N GLY G 89 15.43 31.59 -4.42
CA GLY G 89 14.96 32.69 -5.21
C GLY G 89 13.48 32.68 -5.52
N LYS G 90 12.75 31.61 -5.17
CA LYS G 90 11.32 31.65 -5.46
C LYS G 90 10.62 32.82 -4.79
N VAL G 91 11.29 33.48 -3.84
CA VAL G 91 10.80 34.68 -3.14
C VAL G 91 9.59 34.27 -2.32
N SER H 11 12.05 42.39 21.75
CA SER H 11 11.76 42.51 20.32
C SER H 11 11.47 41.14 19.68
N MET H 12 12.39 40.67 18.83
CA MET H 12 12.25 39.42 18.11
C MET H 12 13.30 38.43 18.55
N TYR H 13 12.96 37.13 18.50
CA TYR H 13 13.97 36.09 18.73
C TYR H 13 14.89 35.97 17.52
N LYS H 14 16.08 35.44 17.77
CA LYS H 14 16.99 35.08 16.69
C LYS H 14 16.41 33.92 15.90
N LEU H 15 16.56 33.99 14.58
CA LEU H 15 16.15 32.88 13.72
C LEU H 15 17.24 31.85 13.62
N GLU H 16 16.90 30.59 13.87
CA GLU H 16 17.85 29.53 13.63
C GLU H 16 17.11 28.32 13.06
N TYR H 17 17.74 27.65 12.09
CA TYR H 17 17.16 26.48 11.46
C TYR H 17 18.20 25.38 11.34
N SER H 18 17.71 24.14 11.38
CA SER H 18 18.56 22.96 11.30
C SER H 18 18.98 22.69 9.85
N THR H 19 20.02 21.87 9.71
CA THR H 19 20.40 21.35 8.40
C THR H 19 19.23 20.63 7.74
N GLN H 20 18.54 19.78 8.52
CA GLN H 20 17.39 19.07 8.00
C GLN H 20 16.27 20.01 7.59
N PHE H 21 16.12 21.14 8.29
CA PHE H 21 15.10 22.11 7.89
C PHE H 21 15.38 22.65 6.48
N LYS H 22 16.64 22.92 6.18
CA LYS H 22 17.01 23.30 4.81
C LYS H 22 16.68 22.17 3.82
N LYS H 23 17.00 20.92 4.17
CA LYS H 23 16.66 19.85 3.24
C LYS H 23 15.15 19.71 3.04
N ASP H 24 14.37 19.82 4.13
CA ASP H 24 12.91 19.82 4.04
C ASP H 24 12.42 20.96 3.14
N PHE H 25 13.07 22.12 3.24
CA PHE H 25 12.61 23.22 2.41
C PHE H 25 12.90 22.96 0.95
N LYS H 26 13.81 22.04 0.64
CA LYS H 26 13.95 21.65 -0.77
C LYS H 26 12.61 21.13 -1.31
N LYS H 27 11.80 20.48 -0.47
CA LYS H 27 10.47 20.00 -0.84
C LYS H 27 9.40 21.10 -0.74
N ILE H 28 9.45 21.89 0.34
CA ILE H 28 8.47 22.96 0.53
C ILE H 28 8.52 23.98 -0.63
N THR H 29 9.71 24.26 -1.18
CA THR H 29 9.80 25.25 -2.26
C THR H 29 8.92 24.87 -3.45
N LYS H 30 8.66 23.57 -3.68
CA LYS H 30 7.83 23.17 -4.80
C LYS H 30 6.38 23.58 -4.63
N MET H 31 5.98 24.02 -3.43
CA MET H 31 4.61 24.45 -3.22
C MET H 31 4.37 25.80 -3.90
N PRO H 32 3.11 26.15 -4.13
CA PRO H 32 2.83 27.48 -4.69
C PRO H 32 3.31 28.57 -3.75
N ILE H 33 3.63 29.72 -4.34
CA ILE H 33 4.23 30.80 -3.58
C ILE H 33 3.33 31.21 -2.41
N SER H 34 2.01 31.24 -2.62
CA SER H 34 1.08 31.53 -1.53
C SER H 34 1.28 30.63 -0.30
N ASP H 35 1.44 29.32 -0.53
CA ASP H 35 1.65 28.42 0.61
C ASP H 35 3.00 28.66 1.28
N ILE H 36 4.02 28.96 0.48
CA ILE H 36 5.34 29.28 1.06
C ILE H 36 5.22 30.53 1.93
N ILE H 37 4.49 31.55 1.46
CA ILE H 37 4.31 32.76 2.27
C ILE H 37 3.59 32.43 3.56
N GLU H 38 2.62 31.52 3.51
CA GLU H 38 1.88 31.20 4.73
C GLU H 38 2.79 30.52 5.76
N VAL H 39 3.70 29.67 5.28
CA VAL H 39 4.73 29.12 6.17
C VAL H 39 5.51 30.26 6.82
N GLY H 40 5.99 31.18 5.98
CA GLY H 40 6.76 32.31 6.48
C GLY H 40 6.00 33.16 7.48
N ASN H 41 4.70 33.35 7.26
CA ASN H 41 3.91 34.14 8.19
C ASN H 41 3.80 33.46 9.54
N VAL H 42 3.60 32.14 9.56
CA VAL H 42 3.54 31.42 10.85
C VAL H 42 4.86 31.56 11.58
N ILE H 43 5.97 31.40 10.86
CA ILE H 43 7.29 31.52 11.48
C ILE H 43 7.50 32.94 12.01
N SER H 44 7.00 33.95 11.28
CA SER H 44 7.14 35.33 11.74
C SER H 44 6.36 35.57 13.02
N LYS H 45 5.16 34.99 13.12
CA LYS H 45 4.41 35.09 14.36
C LYS H 45 5.20 34.46 15.50
N LEU H 46 5.74 33.27 15.28
CA LEU H 46 6.48 32.59 16.35
C LEU H 46 7.70 33.40 16.79
N GLN H 47 8.38 34.03 15.83
CA GLN H 47 9.57 34.82 16.15
C GLN H 47 9.23 36.03 17.01
N ARG H 48 8.00 36.52 16.92
CA ARG H 48 7.56 37.68 17.71
C ARG H 48 6.75 37.28 18.93
N GLY H 49 6.75 36.00 19.28
CA GLY H 49 6.02 35.58 20.47
C GLY H 49 4.52 35.67 20.35
N GLU H 50 3.97 35.64 19.15
CA GLU H 50 2.54 35.83 18.95
C GLU H 50 1.82 34.51 19.08
N LYS H 51 0.63 34.56 19.64
CA LYS H 51 -0.18 33.36 19.74
C LYS H 51 -0.66 32.98 18.34
N LEU H 52 -0.57 31.69 18.04
CA LEU H 52 -1.04 31.24 16.74
C LEU H 52 -2.53 31.04 16.73
N GLU H 53 -3.07 30.87 15.51
CA GLU H 53 -4.54 30.78 15.35
C GLU H 53 -5.04 29.37 15.67
N PRO H 54 -6.29 29.21 16.15
CA PRO H 54 -6.83 27.89 16.51
C PRO H 54 -6.58 26.81 15.48
N LYS H 55 -6.65 27.16 14.19
CA LYS H 55 -6.40 26.18 13.14
C LYS H 55 -4.95 25.71 13.12
N ASN H 56 -4.04 26.44 13.79
CA ASN H 56 -2.64 26.02 13.79
C ASN H 56 -2.35 24.93 14.81
N VAL H 57 -3.33 24.55 15.63
CA VAL H 57 -3.26 23.51 16.66
C VAL H 57 -1.87 23.51 17.30
N ASP H 58 -1.40 24.69 17.71
CA ASP H 58 -0.08 24.82 18.33
C ASP H 58 -0.09 24.17 19.72
N HIS H 59 0.89 23.32 20.00
CA HIS H 59 0.90 22.63 21.29
C HIS H 59 2.27 22.02 21.54
N PRO H 60 2.67 21.85 22.80
CA PRO H 60 3.91 21.12 23.07
C PRO H 60 3.68 19.64 22.88
N LEU H 61 4.73 18.95 22.44
CA LEU H 61 4.64 17.53 22.24
C LEU H 61 4.95 16.80 23.55
N THR H 62 4.13 15.82 23.88
CA THR H 62 4.31 15.16 25.15
C THR H 62 5.25 13.99 25.05
N GLY H 63 5.57 13.54 23.82
CA GLY H 63 6.53 12.48 23.61
C GLY H 63 7.96 12.80 24.04
N ASN H 64 8.92 12.05 23.50
CA ASN H 64 10.35 12.34 23.61
C ASN H 64 10.66 13.44 22.58
N TRP H 65 10.46 14.69 22.99
CA TRP H 65 10.63 15.82 22.09
C TRP H 65 11.53 16.93 22.62
N VAL H 66 12.02 16.82 23.86
CA VAL H 66 12.93 17.79 24.49
C VAL H 66 12.42 19.22 24.37
N GLY H 67 11.14 19.43 24.69
CA GLY H 67 10.62 20.78 24.74
C GLY H 67 10.16 21.33 23.42
N PHE H 68 10.22 20.55 22.34
CA PHE H 68 9.82 21.07 21.04
C PHE H 68 8.31 21.00 20.89
N ARG H 69 7.83 21.82 19.96
CA ARG H 69 6.42 22.08 19.77
C ARG H 69 6.04 21.74 18.33
N ASP H 70 4.73 21.65 18.11
CA ASP H 70 4.15 21.26 16.85
C ASP H 70 3.05 22.26 16.52
N CYS H 71 3.08 22.79 15.31
CA CYS H 71 1.95 23.57 14.84
C CYS H 71 1.70 23.18 13.40
N HIS H 72 0.47 23.41 12.96
CA HIS H 72 0.04 23.07 11.60
C HIS H 72 -0.05 24.34 10.77
N ILE H 73 0.85 24.47 9.80
CA ILE H 73 0.67 25.49 8.80
C ILE H 73 -0.48 25.09 7.86
N LYS H 74 -0.56 23.80 7.54
CA LYS H 74 -1.74 23.19 6.95
C LYS H 74 -2.04 21.93 7.74
N PRO H 75 -3.24 21.36 7.62
CA PRO H 75 -3.51 20.12 8.36
C PRO H 75 -2.47 19.03 8.11
N ASP H 76 -1.87 19.00 6.91
CA ASP H 76 -0.83 18.02 6.61
C ASP H 76 0.53 18.66 6.40
N LEU H 77 0.75 19.88 6.92
CA LEU H 77 2.06 20.54 6.88
C LEU H 77 2.36 21.06 8.27
N VAL H 78 3.30 20.36 8.94
CA VAL H 78 3.61 20.48 10.35
C VAL H 78 4.96 21.15 10.49
N LEU H 79 5.08 22.08 11.45
CA LEU H 79 6.34 22.71 11.81
C LEU H 79 6.73 22.23 13.20
N ILE H 80 7.93 21.70 13.33
CA ILE H 80 8.51 21.32 14.61
C ILE H 80 9.54 22.40 14.98
N TYR H 81 9.39 22.99 16.16
CA TYR H 81 10.15 24.19 16.50
C TYR H 81 10.22 24.30 18.01
N ARG H 82 11.10 25.18 18.50
CA ARG H 82 11.07 25.57 19.92
C ARG H 82 11.61 26.99 20.09
N VAL H 83 11.30 27.61 21.23
CA VAL H 83 11.95 28.84 21.66
C VAL H 83 12.85 28.52 22.85
N PHE H 84 14.15 28.72 22.67
CA PHE H 84 15.17 28.53 23.70
C PHE H 84 15.98 29.80 23.79
N ASN H 85 16.17 30.30 25.02
CA ASN H 85 16.70 31.66 25.26
C ASN H 85 15.88 32.68 24.48
N ASP H 86 16.56 33.40 23.59
CA ASP H 86 15.82 34.32 22.70
C ASP H 86 16.02 33.81 21.28
N GLN H 87 15.78 32.52 21.08
CA GLN H 87 16.06 31.95 19.74
C GLN H 87 14.89 31.09 19.25
N LEU H 88 14.40 31.35 18.03
CA LEU H 88 13.36 30.50 17.42
C LEU H 88 14.11 29.46 16.61
N GLN H 89 14.07 28.23 17.08
CA GLN H 89 14.83 27.15 16.44
C GLN H 89 13.86 26.25 15.70
N LEU H 90 14.10 26.10 14.40
CA LEU H 90 13.20 25.39 13.50
C LEU H 90 13.86 24.05 13.16
N ALA H 91 13.23 22.95 13.61
CA ALA H 91 13.83 21.64 13.45
C ALA H 91 13.44 20.98 12.13
N ARG H 92 12.14 20.92 11.82
CA ARG H 92 11.65 20.23 10.64
C ARG H 92 10.42 20.94 10.10
N ILE H 93 10.14 20.74 8.82
CA ILE H 93 8.83 21.10 8.26
C ILE H 93 8.45 20.07 7.20
N GLY H 94 7.24 19.52 7.30
CA GLY H 94 6.82 18.52 6.34
C GLY H 94 5.55 17.81 6.77
N SER H 95 5.22 16.75 6.06
CA SER H 95 4.02 16.00 6.40
C SER H 95 4.23 15.19 7.68
N GLN H 96 3.11 14.73 8.24
CA GLN H 96 3.17 13.77 9.35
C GLN H 96 4.01 12.55 8.98
N SER H 97 3.91 12.07 7.73
CA SER H 97 4.73 10.92 7.35
C SER H 97 6.22 11.30 7.31
N ASP H 98 6.56 12.53 6.94
CA ASP H 98 7.98 12.90 6.94
C ASP H 98 8.56 12.98 8.35
N LEU H 99 7.75 13.34 9.35
CA LEU H 99 8.30 13.74 10.63
C LEU H 99 8.21 12.69 11.74
N PHE H 100 7.17 11.83 11.70
CA PHE H 100 6.85 10.91 12.81
C PHE H 100 7.04 9.42 12.46
#